data_2JIS
#
_entry.id   2JIS
#
_cell.length_a   65.318
_cell.length_b   100.636
_cell.length_c   163.104
_cell.angle_alpha   90.00
_cell.angle_beta   90.00
_cell.angle_gamma   90.00
#
_symmetry.space_group_name_H-M   'P 21 21 21'
#
loop_
_entity.id
_entity.type
_entity.pdbx_description
1 polymer 'CYSTEINE SULFINIC ACID DECARBOXYLASE'
2 non-polymer "PYRIDOXAL-5'-PHOSPHATE"
3 non-polymer 'NITRATE ION'
4 water water
#
_entity_poly.entity_id   1
_entity_poly.type   'polypeptide(L)'
_entity_poly.pdbx_seq_one_letter_code
;MHHHHHHSSGVDLGTENLYFQSMADSEALPSLAGDPVAVEALLRAVFGVVVDEAIQKGTSVSQKVCEWKEPEELKQLLDL
ELRSQGESQKQILERCRAVIRYSVKTGHPRFFNQLFSGLDPHALAGRIITESLNTSQYTYEIAPVFVLMEEEVLRKLRAL
VGWSSGDGIFCPGGSISNMYAVNLARYQRYPDCKQRGLRTLPPLALFTSKECHYSIQKGAAFLGLGTDSVRVVKADERGK
MVPEDLERQIGMAEAEGAVPFLVSATSGTTVLGAFDPLEAIADVCQRHGLWLHVDAAWGGSVLLSQTHRHLLDGIQRADS
VAWNPHKLLAAGLQCSALLLQDTSNLLKRCHGSQASYLFQQDKFYDVALDTGDKVVQCGRRVDCLKLWLMWKAQGDQGLE
RRIDQAFVLARYLVEEMKKREGFELVMEPEFVNVCFWFVPPSLRGKQESPDYHERLSKVAPVLKERMVKEGSMMIGYQPH
GTRGNFFRVVVANSALTCADMDFLLNELERLGQDL
;
_entity_poly.pdbx_strand_id   A,B
#
loop_
_chem_comp.id
_chem_comp.type
_chem_comp.name
_chem_comp.formula
NO3 non-polymer 'NITRATE ION' 'N O3 -1'
PLP non-polymer PYRIDOXAL-5'-PHOSPHATE 'C8 H10 N O6 P'
#
# COMPACT_ATOMS: atom_id res chain seq x y z
N LEU A 29 -10.02 -31.44 -18.12
CA LEU A 29 -9.56 -30.03 -18.10
C LEU A 29 -8.17 -29.95 -17.48
N PRO A 30 -7.22 -29.30 -18.17
CA PRO A 30 -5.88 -29.22 -17.64
C PRO A 30 -5.67 -28.00 -16.74
N SER A 31 -4.70 -28.09 -15.84
CA SER A 31 -4.22 -26.92 -15.12
C SER A 31 -3.79 -25.84 -16.12
N LEU A 32 -4.11 -24.59 -15.80
CA LEU A 32 -3.71 -23.46 -16.62
C LEU A 32 -2.66 -22.61 -15.92
N ALA A 33 -2.00 -23.17 -14.90
CA ALA A 33 -1.03 -22.46 -14.09
C ALA A 33 0.37 -22.42 -14.72
N GLY A 34 0.66 -23.37 -15.61
CA GLY A 34 1.97 -23.46 -16.26
C GLY A 34 2.64 -24.80 -16.04
N ASP A 35 3.41 -25.23 -17.04
CA ASP A 35 4.22 -26.45 -16.98
C ASP A 35 5.35 -26.27 -15.96
N PRO A 36 5.42 -27.12 -14.92
CA PRO A 36 6.45 -26.91 -13.89
C PRO A 36 7.90 -26.84 -14.40
N VAL A 37 8.23 -27.57 -15.45
CA VAL A 37 9.58 -27.49 -16.00
C VAL A 37 9.82 -26.10 -16.60
N ALA A 38 8.85 -25.63 -17.37
CA ALA A 38 8.92 -24.28 -17.97
C ALA A 38 8.97 -23.19 -16.89
N VAL A 39 8.16 -23.35 -15.85
CA VAL A 39 8.10 -22.40 -14.74
C VAL A 39 9.44 -22.27 -14.00
N GLU A 40 10.04 -23.40 -13.65
CA GLU A 40 11.33 -23.34 -12.98
C GLU A 40 12.37 -22.67 -13.88
N ALA A 41 12.38 -23.01 -15.17
CA ALA A 41 13.31 -22.40 -16.11
C ALA A 41 13.11 -20.89 -16.19
N LEU A 42 11.84 -20.47 -16.26
CA LEU A 42 11.55 -19.04 -16.29
C LEU A 42 12.08 -18.37 -15.04
N LEU A 43 11.74 -18.91 -13.88
CA LEU A 43 12.03 -18.20 -12.63
C LEU A 43 13.53 -18.17 -12.34
N ARG A 44 14.24 -19.25 -12.62
CA ARG A 44 15.69 -19.26 -12.46
C ARG A 44 16.33 -18.24 -13.38
N ALA A 45 15.80 -18.11 -14.60
CA ALA A 45 16.35 -17.14 -15.54
C ALA A 45 16.07 -15.71 -15.13
N VAL A 46 14.84 -15.45 -14.68
CA VAL A 46 14.51 -14.13 -14.16
C VAL A 46 15.42 -13.78 -12.98
N PHE A 47 15.61 -14.73 -12.07
CA PHE A 47 16.46 -14.48 -10.91
C PHE A 47 17.87 -14.13 -11.37
N GLY A 48 18.39 -14.87 -12.36
CA GLY A 48 19.71 -14.56 -12.91
C GLY A 48 19.83 -13.14 -13.45
N VAL A 49 18.83 -12.71 -14.22
CA VAL A 49 18.81 -11.35 -14.76
C VAL A 49 18.75 -10.33 -13.63
N VAL A 50 17.90 -10.59 -12.65
CA VAL A 50 17.78 -9.71 -11.49
C VAL A 50 19.11 -9.56 -10.76
N VAL A 51 19.77 -10.68 -10.48
CA VAL A 51 21.06 -10.63 -9.79
C VAL A 51 22.09 -9.90 -10.64
N ASP A 52 22.19 -10.25 -11.92
CA ASP A 52 23.21 -9.65 -12.77
C ASP A 52 23.01 -8.15 -12.97
N GLU A 53 21.77 -7.77 -13.25
CA GLU A 53 21.49 -6.45 -13.79
C GLU A 53 20.92 -5.49 -12.76
N ALA A 54 20.07 -6.00 -11.86
CA ALA A 54 19.47 -5.13 -10.83
C ALA A 54 20.31 -5.07 -9.56
N ILE A 55 20.80 -6.21 -9.09
CA ILE A 55 21.48 -6.27 -7.80
C ILE A 55 22.95 -5.95 -7.94
N GLN A 56 23.64 -6.56 -8.89
CA GLN A 56 25.08 -6.32 -9.03
C GLN A 56 25.33 -5.01 -9.79
N LYS A 57 24.93 -4.95 -11.05
CA LYS A 57 25.21 -3.73 -11.84
C LYS A 57 24.51 -2.51 -11.23
N GLY A 58 23.31 -2.72 -10.67
CA GLY A 58 22.57 -1.62 -10.08
C GLY A 58 23.14 -1.05 -8.79
N THR A 59 24.16 -1.68 -8.21
CA THR A 59 24.78 -1.15 -7.01
C THR A 59 26.28 -0.89 -7.21
N SER A 60 26.75 -0.94 -8.46
CA SER A 60 28.16 -0.78 -8.76
C SER A 60 28.51 0.65 -9.20
N VAL A 61 29.51 1.25 -8.58
CA VAL A 61 29.95 2.61 -8.96
C VAL A 61 30.56 2.66 -10.37
N SER A 62 30.86 1.51 -10.96
CA SER A 62 31.33 1.43 -12.35
C SER A 62 30.20 1.53 -13.36
N GLN A 63 28.95 1.49 -12.89
CA GLN A 63 27.79 1.48 -13.75
C GLN A 63 26.97 2.74 -13.51
N LYS A 64 26.06 3.02 -14.44
CA LYS A 64 25.22 4.22 -14.35
C LYS A 64 24.09 4.11 -13.31
N VAL A 65 23.78 5.24 -12.68
CA VAL A 65 22.63 5.33 -11.76
C VAL A 65 21.33 5.28 -12.56
N CYS A 66 21.36 5.80 -13.78
CA CYS A 66 20.18 5.83 -14.63
C CYS A 66 20.62 5.85 -16.07
N GLU A 67 19.81 5.28 -16.95
CA GLU A 67 20.06 5.39 -18.39
C GLU A 67 18.91 6.22 -18.98
N TRP A 68 19.13 7.52 -19.06
CA TRP A 68 18.07 8.46 -19.40
C TRP A 68 17.54 8.17 -20.81
N LYS A 69 16.22 8.12 -20.91
CA LYS A 69 15.54 8.00 -22.19
C LYS A 69 14.34 8.92 -22.15
N GLU A 70 14.12 9.63 -23.26
CA GLU A 70 12.94 10.47 -23.41
C GLU A 70 11.72 9.55 -23.43
N PRO A 71 10.59 10.00 -22.86
CA PRO A 71 9.39 9.15 -22.82
C PRO A 71 9.03 8.47 -24.14
N GLU A 72 9.13 9.19 -25.27
CA GLU A 72 8.78 8.62 -26.56
C GLU A 72 9.71 7.48 -26.95
N GLU A 73 11.01 7.67 -26.71
CA GLU A 73 12.00 6.63 -27.04
C GLU A 73 11.81 5.41 -26.13
N LEU A 74 11.57 5.66 -24.86
CA LEU A 74 11.41 4.57 -23.91
C LEU A 74 10.14 3.78 -24.23
N LYS A 75 9.07 4.46 -24.62
CA LYS A 75 7.86 3.76 -25.06
C LYS A 75 8.18 2.81 -26.21
N GLN A 76 8.98 3.27 -27.17
CA GLN A 76 9.37 2.42 -28.30
C GLN A 76 10.21 1.21 -27.86
N LEU A 77 11.13 1.43 -26.93
CA LEU A 77 11.98 0.36 -26.41
C LEU A 77 11.21 -0.69 -25.61
N LEU A 78 10.10 -0.30 -25.00
CA LEU A 78 9.35 -1.17 -24.10
C LEU A 78 8.17 -1.91 -24.73
N ASP A 79 7.65 -1.43 -25.87
CA ASP A 79 6.51 -2.08 -26.55
C ASP A 79 5.43 -2.52 -25.54
N LEU A 80 4.83 -1.54 -24.90
CA LEU A 80 4.00 -1.79 -23.74
C LEU A 80 2.63 -2.38 -24.01
N GLU A 81 2.12 -2.23 -25.24
CA GLU A 81 0.68 -2.46 -25.46
C GLU A 81 0.23 -3.86 -25.06
N LEU A 82 -0.83 -3.93 -24.26
CA LEU A 82 -1.38 -5.21 -23.84
C LEU A 82 -2.34 -5.72 -24.91
N ARG A 83 -2.10 -6.95 -25.36
CA ARG A 83 -2.71 -7.47 -26.58
C ARG A 83 -3.44 -8.78 -26.37
N SER A 84 -4.10 -9.23 -27.44
CA SER A 84 -4.85 -10.47 -27.42
C SER A 84 -3.98 -11.72 -27.23
N GLN A 85 -2.90 -11.81 -28.00
CA GLN A 85 -2.05 -13.00 -27.98
C GLN A 85 -0.94 -12.85 -26.96
N GLY A 86 -0.54 -13.97 -26.36
CA GLY A 86 0.56 -14.01 -25.42
C GLY A 86 1.92 -13.99 -26.08
N GLU A 87 2.94 -14.27 -25.29
CA GLU A 87 4.33 -14.25 -25.73
C GLU A 87 5.10 -15.42 -25.16
N SER A 88 6.25 -15.70 -25.78
CA SER A 88 7.10 -16.82 -25.41
C SER A 88 8.00 -16.49 -24.24
N GLN A 89 8.56 -17.51 -23.62
CA GLN A 89 9.55 -17.30 -22.57
C GLN A 89 10.71 -16.41 -23.04
N LYS A 90 11.22 -16.64 -24.25
CA LYS A 90 12.33 -15.83 -24.76
C LYS A 90 11.94 -14.35 -24.80
N GLN A 91 10.74 -14.07 -25.29
CA GLN A 91 10.23 -12.71 -25.38
C GLN A 91 10.05 -12.08 -23.99
N ILE A 92 9.48 -12.86 -23.07
CA ILE A 92 9.30 -12.38 -21.69
C ILE A 92 10.63 -12.05 -21.01
N LEU A 93 11.64 -12.88 -21.19
CA LEU A 93 12.94 -12.63 -20.60
C LEU A 93 13.60 -11.36 -21.19
N GLU A 94 13.40 -11.12 -22.47
CA GLU A 94 13.88 -9.89 -23.09
C GLU A 94 13.22 -8.67 -22.44
N ARG A 95 11.94 -8.79 -22.15
CA ARG A 95 11.23 -7.67 -21.52
C ARG A 95 11.73 -7.43 -20.11
N CYS A 96 12.00 -8.52 -19.38
CA CYS A 96 12.57 -8.38 -18.04
C CYS A 96 13.89 -7.62 -18.09
N ARG A 97 14.74 -7.96 -19.06
CA ARG A 97 16.00 -7.25 -19.21
C ARG A 97 15.81 -5.75 -19.50
N ALA A 98 14.85 -5.41 -20.36
CA ALA A 98 14.63 -4.03 -20.74
C ALA A 98 14.08 -3.24 -19.55
N VAL A 99 13.12 -3.83 -18.83
CA VAL A 99 12.54 -3.17 -17.65
C VAL A 99 13.63 -2.80 -16.62
N ILE A 100 14.54 -3.71 -16.36
CA ILE A 100 15.63 -3.47 -15.41
C ILE A 100 16.64 -2.46 -15.97
N ARG A 101 17.03 -2.64 -17.22
CA ARG A 101 18.03 -1.79 -17.83
C ARG A 101 17.65 -0.31 -17.75
N TYR A 102 16.40 0.00 -18.07
CA TYR A 102 16.01 1.40 -18.19
C TYR A 102 15.41 1.98 -16.91
N SER A 103 15.29 1.15 -15.87
CA SER A 103 14.85 1.66 -14.58
C SER A 103 15.99 2.33 -13.82
N VAL A 104 15.65 3.31 -12.99
CA VAL A 104 16.63 3.99 -12.18
C VAL A 104 17.13 3.04 -11.09
N LYS A 105 18.43 3.10 -10.83
CA LYS A 105 19.05 2.23 -9.83
C LYS A 105 19.04 2.90 -8.45
N THR A 106 17.97 2.68 -7.69
CA THR A 106 17.84 3.31 -6.36
C THR A 106 18.72 2.67 -5.29
N GLY A 107 19.33 1.52 -5.59
CA GLY A 107 20.34 0.95 -4.71
C GLY A 107 21.74 1.48 -4.94
N HIS A 108 21.91 2.31 -5.97
CA HIS A 108 23.22 2.77 -6.39
C HIS A 108 23.78 3.78 -5.39
N PRO A 109 25.08 3.68 -5.07
CA PRO A 109 25.67 4.61 -4.13
C PRO A 109 25.60 6.08 -4.52
N ARG A 110 25.40 6.39 -5.80
CA ARG A 110 25.31 7.78 -6.23
C ARG A 110 23.86 8.18 -6.53
N PHE A 111 22.90 7.41 -6.01
CA PHE A 111 21.50 7.80 -6.01
C PHE A 111 21.25 8.53 -4.69
N PHE A 112 21.05 9.84 -4.79
CA PHE A 112 20.81 10.72 -3.64
C PHE A 112 19.48 11.48 -3.72
N ASN A 113 18.55 11.01 -4.54
CA ASN A 113 17.35 11.78 -4.94
C ASN A 113 16.19 11.71 -3.96
N GLN A 114 16.19 10.71 -3.08
CA GLN A 114 15.05 10.44 -2.21
C GLN A 114 15.50 10.23 -0.76
N LEU A 115 14.54 9.95 0.11
CA LEU A 115 14.83 9.62 1.51
C LEU A 115 15.02 8.12 1.71
N PHE A 116 15.19 7.40 0.62
CA PHE A 116 15.62 6.02 0.67
C PHE A 116 16.70 5.86 -0.39
N SER A 117 17.66 5.00 -0.09
CA SER A 117 18.73 4.67 -1.02
C SER A 117 19.42 3.42 -0.54
N GLY A 118 19.83 2.56 -1.46
CA GLY A 118 20.57 1.37 -1.10
C GLY A 118 19.74 0.12 -1.27
N LEU A 119 20.44 -1.01 -1.25
CA LEU A 119 19.81 -2.30 -1.46
C LEU A 119 20.33 -3.24 -0.39
N ASP A 120 19.59 -3.40 0.70
CA ASP A 120 19.98 -4.35 1.73
C ASP A 120 19.61 -5.75 1.29
N PRO A 121 20.59 -6.67 1.25
CA PRO A 121 20.29 -7.97 0.67
C PRO A 121 19.39 -8.86 1.52
N HIS A 122 19.40 -8.67 2.84
CA HIS A 122 18.48 -9.40 3.69
C HIS A 122 17.06 -8.87 3.57
N ALA A 123 16.93 -7.55 3.51
CA ALA A 123 15.61 -6.96 3.26
C ALA A 123 15.08 -7.46 1.91
N LEU A 124 15.93 -7.51 0.88
CA LEU A 124 15.51 -8.01 -0.43
C LEU A 124 15.11 -9.50 -0.35
N ALA A 125 15.91 -10.31 0.35
CA ALA A 125 15.55 -11.71 0.58
C ALA A 125 14.15 -11.81 1.21
N GLY A 126 13.89 -10.99 2.23
CA GLY A 126 12.58 -10.95 2.83
C GLY A 126 11.48 -10.56 1.88
N ARG A 127 11.73 -9.54 1.07
CA ARG A 127 10.77 -9.12 0.07
C ARG A 127 10.40 -10.25 -0.90
N ILE A 128 11.41 -10.96 -1.38
CA ILE A 128 11.20 -12.05 -2.34
C ILE A 128 10.39 -13.18 -1.72
N ILE A 129 10.72 -13.55 -0.48
CA ILE A 129 9.95 -14.55 0.24
C ILE A 129 8.51 -14.11 0.39
N THR A 130 8.31 -12.86 0.78
CA THR A 130 6.97 -12.31 0.94
C THR A 130 6.17 -12.47 -0.34
N GLU A 131 6.76 -12.11 -1.47
CA GLU A 131 6.03 -12.12 -2.74
C GLU A 131 5.69 -13.54 -3.16
N SER A 132 6.55 -14.50 -2.82
CA SER A 132 6.36 -15.90 -3.17
CA SER A 132 6.34 -15.89 -3.18
C SER A 132 5.23 -16.51 -2.33
N LEU A 133 4.99 -15.96 -1.14
CA LEU A 133 3.96 -16.46 -0.22
C LEU A 133 2.62 -15.71 -0.29
N ASN A 134 2.61 -14.59 -1.01
CA ASN A 134 1.41 -13.83 -1.35
C ASN A 134 0.22 -14.08 -0.46
N THR A 135 0.24 -13.51 0.73
CA THR A 135 -0.92 -13.57 1.59
C THR A 135 -1.33 -12.20 2.12
N SER A 136 -2.44 -12.17 2.84
CA SER A 136 -2.94 -10.94 3.42
C SER A 136 -2.73 -10.97 4.91
N GLN A 137 -2.32 -9.83 5.44
N GLN A 137 -2.25 -9.85 5.43
CA GLN A 137 -1.98 -9.63 6.84
CA GLN A 137 -1.99 -9.64 6.84
C GLN A 137 -3.29 -9.28 7.55
C GLN A 137 -3.33 -9.26 7.43
N TYR A 138 -4.15 -10.28 7.71
CA TYR A 138 -5.57 -10.10 8.07
C TYR A 138 -6.02 -11.02 9.22
N THR A 139 -5.71 -12.30 9.10
CA THR A 139 -6.05 -13.26 10.14
C THR A 139 -4.90 -14.21 10.35
N TYR A 140 -4.78 -14.71 11.58
CA TYR A 140 -3.80 -15.74 11.91
C TYR A 140 -4.01 -16.98 11.04
N GLU A 141 -5.26 -17.24 10.67
CA GLU A 141 -5.62 -18.40 9.85
C GLU A 141 -4.92 -18.43 8.47
N ILE A 142 -4.75 -17.26 7.84
CA ILE A 142 -4.08 -17.23 6.55
C ILE A 142 -2.68 -16.61 6.59
N ALA A 143 -2.30 -16.06 7.74
CA ALA A 143 -0.96 -15.46 7.86
C ALA A 143 -0.34 -15.71 9.24
N PRO A 144 -0.25 -16.97 9.66
CA PRO A 144 0.14 -17.23 11.05
C PRO A 144 1.53 -16.70 11.41
N VAL A 145 2.51 -16.94 10.56
CA VAL A 145 3.87 -16.45 10.81
C VAL A 145 3.89 -14.91 10.86
N PHE A 146 3.26 -14.29 9.88
CA PHE A 146 3.33 -12.85 9.73
C PHE A 146 2.52 -12.10 10.78
N VAL A 147 1.42 -12.69 11.25
CA VAL A 147 0.68 -12.10 12.37
C VAL A 147 1.59 -12.02 13.61
N LEU A 148 2.29 -13.11 13.91
CA LEU A 148 3.17 -13.11 15.07
C LEU A 148 4.38 -12.19 14.86
N MET A 149 4.93 -12.22 13.65
CA MET A 149 6.10 -11.44 13.33
C MET A 149 5.78 -9.95 13.38
N GLU A 150 4.62 -9.57 12.85
CA GLU A 150 4.25 -8.14 12.89
C GLU A 150 4.09 -7.69 14.35
N GLU A 151 3.50 -8.54 15.19
CA GLU A 151 3.40 -8.23 16.63
C GLU A 151 4.78 -7.92 17.24
N GLU A 152 5.78 -8.72 16.92
CA GLU A 152 7.11 -8.49 17.44
C GLU A 152 7.71 -7.21 16.88
N VAL A 153 7.57 -6.99 15.58
CA VAL A 153 8.14 -5.78 15.00
C VAL A 153 7.56 -4.54 15.65
N LEU A 154 6.25 -4.53 15.82
CA LEU A 154 5.58 -3.35 16.42
C LEU A 154 5.99 -3.19 17.89
N ARG A 155 6.15 -4.30 18.60
CA ARG A 155 6.62 -4.26 19.98
C ARG A 155 8.01 -3.62 20.05
N LYS A 156 8.89 -4.05 19.15
CA LYS A 156 10.25 -3.54 19.11
C LYS A 156 10.27 -2.04 18.81
N LEU A 157 9.52 -1.64 17.79
CA LEU A 157 9.44 -0.22 17.44
C LEU A 157 8.89 0.62 18.60
N ARG A 158 7.82 0.14 19.25
CA ARG A 158 7.31 0.82 20.45
C ARG A 158 8.37 0.92 21.54
N ALA A 159 9.10 -0.19 21.76
CA ALA A 159 10.15 -0.21 22.79
C ALA A 159 11.17 0.91 22.56
N LEU A 160 11.55 1.10 21.30
CA LEU A 160 12.52 2.11 20.92
C LEU A 160 11.97 3.53 21.08
N VAL A 161 10.68 3.72 20.84
CA VAL A 161 10.01 4.99 21.16
C VAL A 161 10.05 5.25 22.65
N GLY A 162 10.00 4.18 23.45
CA GLY A 162 10.03 4.25 24.91
C GLY A 162 8.82 3.68 25.64
N TRP A 163 8.03 2.86 24.94
CA TRP A 163 6.82 2.27 25.48
C TRP A 163 6.98 0.76 25.59
N SER A 164 6.62 0.21 26.76
CA SER A 164 6.68 -1.24 27.00
CA SER A 164 6.68 -1.24 26.98
C SER A 164 5.36 -1.93 26.69
N SER A 165 4.34 -1.15 26.36
CA SER A 165 3.03 -1.66 25.97
C SER A 165 2.47 -0.65 24.97
N GLY A 166 1.40 -1.02 24.29
CA GLY A 166 0.78 -0.12 23.34
C GLY A 166 0.16 -0.88 22.20
N ASP A 167 -0.07 -0.19 21.09
CA ASP A 167 -0.74 -0.76 19.95
C ASP A 167 -0.09 -0.18 18.70
N GLY A 168 -0.60 -0.55 17.55
CA GLY A 168 -0.06 -0.05 16.30
C GLY A 168 -0.42 -0.93 15.15
N ILE A 169 -0.07 -0.44 13.97
N ILE A 169 0.01 -0.52 13.97
CA ILE A 169 -0.40 -1.06 12.70
CA ILE A 169 -0.31 -1.24 12.76
C ILE A 169 0.69 -0.73 11.68
C ILE A 169 0.54 -0.68 11.63
N PHE A 170 0.74 -1.47 10.59
CA PHE A 170 1.42 -1.01 9.38
C PHE A 170 0.37 -0.44 8.42
N CYS A 171 0.77 0.63 7.74
CA CYS A 171 -0.08 1.40 6.83
C CYS A 171 0.60 1.46 5.47
N PRO A 172 -0.18 1.71 4.39
CA PRO A 172 0.39 1.82 3.06
C PRO A 172 0.96 3.21 2.82
N GLY A 173 2.05 3.49 3.51
CA GLY A 173 2.71 4.79 3.51
C GLY A 173 2.50 5.62 4.78
N GLY A 174 3.50 6.45 5.08
CA GLY A 174 3.44 7.39 6.20
C GLY A 174 2.36 8.43 6.07
N SER A 175 1.99 8.78 4.85
CA SER A 175 0.92 9.73 4.63
C SER A 175 -0.37 9.18 5.21
N ILE A 176 -0.62 7.90 4.95
CA ILE A 176 -1.81 7.24 5.48
C ILE A 176 -1.68 7.05 7.00
N SER A 177 -0.48 6.73 7.49
CA SER A 177 -0.27 6.66 8.95
C SER A 177 -0.70 7.96 9.62
N ASN A 178 -0.30 9.08 9.03
CA ASN A 178 -0.67 10.39 9.56
C ASN A 178 -2.20 10.57 9.59
N MET A 179 -2.86 10.18 8.51
CA MET A 179 -4.33 10.26 8.44
C MET A 179 -4.98 9.40 9.50
N TYR A 180 -4.50 8.17 9.69
N TYR A 180 -4.49 8.18 9.70
CA TYR A 180 -4.99 7.31 10.78
CA TYR A 180 -5.00 7.33 10.76
C TYR A 180 -4.89 8.05 12.11
C TYR A 180 -4.87 8.00 12.13
N ALA A 181 -3.74 8.68 12.37
CA ALA A 181 -3.54 9.37 13.64
C ALA A 181 -4.60 10.47 13.86
N VAL A 182 -4.86 11.25 12.81
CA VAL A 182 -5.87 12.29 12.88
C VAL A 182 -7.26 11.68 13.13
N ASN A 183 -7.60 10.62 12.41
CA ASN A 183 -8.89 9.96 12.59
C ASN A 183 -9.05 9.44 14.02
N LEU A 184 -7.98 8.85 14.55
CA LEU A 184 -7.99 8.30 15.89
C LEU A 184 -8.19 9.39 16.94
N ALA A 185 -7.49 10.51 16.79
CA ALA A 185 -7.60 11.62 17.73
C ALA A 185 -9.01 12.19 17.72
N ARG A 186 -9.58 12.28 16.51
CA ARG A 186 -10.95 12.77 16.37
C ARG A 186 -11.91 11.84 17.08
N TYR A 187 -11.75 10.54 16.84
CA TYR A 187 -12.62 9.52 17.44
C TYR A 187 -12.48 9.49 18.97
N GLN A 188 -11.27 9.59 19.46
CA GLN A 188 -11.07 9.58 20.90
C GLN A 188 -11.83 10.73 21.57
N ARG A 189 -11.85 11.89 20.95
CA ARG A 189 -12.51 13.07 21.54
C ARG A 189 -14.01 13.10 21.28
N TYR A 190 -14.41 12.69 20.07
CA TYR A 190 -15.79 12.72 19.61
C TYR A 190 -16.15 11.38 18.93
N PRO A 191 -16.29 10.31 19.73
CA PRO A 191 -16.57 9.00 19.12
C PRO A 191 -17.84 8.91 18.30
N ASP A 192 -18.83 9.76 18.59
CA ASP A 192 -20.08 9.73 17.81
C ASP A 192 -19.87 10.22 16.37
N CYS A 193 -18.71 10.82 16.09
CA CYS A 193 -18.42 11.23 14.71
C CYS A 193 -18.39 10.03 13.77
N LYS A 194 -17.97 8.88 14.29
CA LYS A 194 -17.90 7.67 13.45
C LYS A 194 -19.27 7.37 12.79
N GLN A 195 -20.35 7.52 13.56
CA GLN A 195 -21.71 7.34 13.03
C GLN A 195 -22.30 8.59 12.41
N ARG A 196 -22.17 9.71 13.12
CA ARG A 196 -22.92 10.91 12.81
C ARG A 196 -22.22 11.92 11.91
N GLY A 197 -20.90 11.79 11.76
CA GLY A 197 -20.14 12.69 10.89
C GLY A 197 -19.82 14.05 11.48
N LEU A 198 -18.94 14.76 10.79
CA LEU A 198 -18.45 16.09 11.20
C LEU A 198 -19.46 17.22 11.31
N ARG A 199 -20.56 17.16 10.58
CA ARG A 199 -21.60 18.20 10.66
C ARG A 199 -22.15 18.36 12.08
N THR A 200 -22.07 17.30 12.87
CA THR A 200 -22.62 17.29 14.21
C THR A 200 -21.59 17.65 15.30
N LEU A 201 -20.37 17.95 14.88
CA LEU A 201 -19.28 18.37 15.77
C LEU A 201 -19.04 19.88 15.67
N PRO A 202 -18.34 20.47 16.66
CA PRO A 202 -17.85 21.83 16.51
C PRO A 202 -16.75 21.85 15.46
N PRO A 203 -16.34 23.05 15.04
CA PRO A 203 -15.20 23.16 14.14
C PRO A 203 -14.00 22.66 14.89
N LEU A 204 -13.15 21.91 14.19
CA LEU A 204 -11.96 21.30 14.80
C LEU A 204 -10.72 21.97 14.25
N ALA A 205 -9.68 22.05 15.08
CA ALA A 205 -8.40 22.64 14.69
C ALA A 205 -7.25 21.68 14.99
N LEU A 206 -6.35 21.52 14.02
CA LEU A 206 -5.09 20.80 14.25
C LEU A 206 -3.93 21.69 13.83
N PHE A 207 -2.74 21.36 14.31
CA PHE A 207 -1.59 22.24 14.23
C PHE A 207 -0.38 21.46 13.74
N THR A 208 0.37 22.06 12.82
CA THR A 208 1.60 21.46 12.31
C THR A 208 2.59 22.56 11.89
N SER A 209 3.85 22.17 11.72
CA SER A 209 4.89 23.12 11.33
C SER A 209 4.79 23.56 9.88
N LYS A 210 5.23 24.78 9.59
CA LYS A 210 5.42 25.22 8.20
C LYS A 210 6.33 24.26 7.41
N GLU A 211 7.22 23.54 8.11
CA GLU A 211 8.16 22.61 7.49
C GLU A 211 7.58 21.21 7.29
N CYS A 212 6.32 21.01 7.68
N CYS A 212 6.34 20.98 7.66
CA CYS A 212 5.69 19.68 7.73
CA CYS A 212 5.76 19.68 7.38
C CYS A 212 5.41 19.07 6.36
C CYS A 212 4.28 19.82 7.42
N HIS A 213 5.15 17.77 6.37
N HIS A 213 3.70 20.20 6.27
CA HIS A 213 4.86 17.04 5.13
CA HIS A 213 2.27 20.44 6.25
C HIS A 213 3.48 17.42 4.65
C HIS A 213 1.52 19.75 5.11
N TYR A 214 3.32 17.54 3.33
N TYR A 214 2.26 19.07 4.22
CA TYR A 214 2.06 18.08 2.78
CA TYR A 214 1.67 18.47 2.99
C TYR A 214 0.90 17.14 3.03
C TYR A 214 0.77 17.17 3.12
N SER A 215 1.24 15.99 3.61
CA SER A 215 0.28 14.92 3.87
C SER A 215 -0.71 15.32 4.96
N ILE A 216 -0.33 16.23 5.85
CA ILE A 216 -1.26 16.65 6.92
C ILE A 216 -2.44 17.38 6.27
N GLN A 217 -2.14 18.28 5.34
CA GLN A 217 -3.19 18.99 4.62
C GLN A 217 -4.00 18.06 3.70
N LYS A 218 -3.33 17.19 2.94
CA LYS A 218 -4.05 16.21 2.12
C LYS A 218 -4.97 15.36 2.98
N GLY A 219 -4.45 14.93 4.13
CA GLY A 219 -5.23 14.12 5.06
C GLY A 219 -6.43 14.85 5.60
N ALA A 220 -6.24 16.10 6.00
CA ALA A 220 -7.36 16.90 6.52
C ALA A 220 -8.47 17.02 5.49
N ALA A 221 -8.10 17.24 4.24
CA ALA A 221 -9.09 17.35 3.16
C ALA A 221 -9.83 16.01 2.97
N PHE A 222 -9.07 14.91 2.98
CA PHE A 222 -9.65 13.59 2.76
C PHE A 222 -10.62 13.22 3.90
N LEU A 223 -10.22 13.53 5.12
CA LEU A 223 -10.99 13.19 6.32
C LEU A 223 -12.22 14.11 6.50
N GLY A 224 -12.42 15.08 5.62
CA GLY A 224 -13.62 15.93 5.64
C GLY A 224 -13.50 17.19 6.50
N LEU A 225 -12.31 17.38 7.07
CA LEU A 225 -12.01 18.53 7.94
C LEU A 225 -11.74 19.80 7.16
N GLY A 226 -11.28 19.66 5.91
CA GLY A 226 -10.85 20.78 5.08
C GLY A 226 -9.42 21.16 5.43
N THR A 227 -8.66 21.61 4.45
CA THR A 227 -7.29 22.05 4.72
C THR A 227 -7.26 23.27 5.66
N ASP A 228 -8.33 24.07 5.66
CA ASP A 228 -8.40 25.25 6.53
C ASP A 228 -8.36 24.87 8.04
N SER A 229 -8.71 23.62 8.37
N SER A 229 -8.70 23.63 8.38
CA SER A 229 -8.65 23.16 9.77
CA SER A 229 -8.64 23.17 9.77
C SER A 229 -7.21 22.99 10.26
C SER A 229 -7.21 23.04 10.26
N VAL A 230 -6.26 22.95 9.33
CA VAL A 230 -4.83 22.85 9.63
C VAL A 230 -4.23 24.23 9.84
N ARG A 231 -3.83 24.50 11.07
CA ARG A 231 -3.17 25.75 11.41
C ARG A 231 -1.67 25.50 11.31
N VAL A 232 -1.01 26.28 10.46
CA VAL A 232 0.40 26.14 10.18
C VAL A 232 1.19 27.02 11.13
N VAL A 233 2.09 26.40 11.87
CA VAL A 233 2.82 27.06 12.95
C VAL A 233 4.19 27.47 12.43
N LYS A 234 4.64 28.66 12.83
CA LYS A 234 5.94 29.14 12.41
C LYS A 234 7.06 28.20 12.82
N ALA A 235 8.06 28.10 11.94
CA ALA A 235 9.30 27.42 12.22
C ALA A 235 10.44 28.43 12.25
N ASP A 236 11.43 28.15 13.08
CA ASP A 236 12.57 29.06 13.26
C ASP A 236 13.63 28.90 12.17
N GLU A 237 14.77 29.56 12.34
CA GLU A 237 15.85 29.52 11.35
C GLU A 237 16.51 28.15 11.19
N ARG A 238 16.31 27.25 12.16
N ARG A 238 16.28 27.26 12.17
CA ARG A 238 16.80 25.86 12.04
CA ARG A 238 16.76 25.88 12.16
C ARG A 238 15.73 24.92 11.48
C ARG A 238 15.68 24.92 11.63
N GLY A 239 14.58 25.48 11.10
CA GLY A 239 13.47 24.68 10.56
C GLY A 239 12.64 23.96 11.62
N LYS A 240 12.71 24.44 12.87
CA LYS A 240 12.04 23.79 13.99
C LYS A 240 10.78 24.55 14.38
N MET A 241 9.69 23.85 14.66
CA MET A 241 8.46 24.51 15.10
C MET A 241 8.76 25.35 16.33
N VAL A 242 8.17 26.55 16.39
CA VAL A 242 8.34 27.46 17.52
C VAL A 242 7.21 27.24 18.52
N PRO A 243 7.51 26.69 19.70
CA PRO A 243 6.42 26.41 20.65
C PRO A 243 5.56 27.62 21.04
N GLU A 244 6.18 28.79 21.10
CA GLU A 244 5.47 30.00 21.43
C GLU A 244 4.42 30.31 20.38
N ASP A 245 4.72 30.04 19.11
CA ASP A 245 3.74 30.27 18.05
C ASP A 245 2.67 29.19 18.04
N LEU A 246 3.04 27.96 18.39
CA LEU A 246 2.03 26.91 18.56
C LEU A 246 0.99 27.34 19.58
N GLU A 247 1.44 27.79 20.75
CA GLU A 247 0.52 28.26 21.78
C GLU A 247 -0.35 29.42 21.30
N ARG A 248 0.27 30.37 20.61
CA ARG A 248 -0.46 31.51 20.04
C ARG A 248 -1.57 31.04 19.10
N GLN A 249 -1.24 30.10 18.21
CA GLN A 249 -2.23 29.59 17.24
C GLN A 249 -3.34 28.81 17.92
N ILE A 250 -3.01 28.05 18.96
CA ILE A 250 -4.03 27.35 19.73
C ILE A 250 -5.00 28.35 20.32
N GLY A 251 -4.48 29.41 20.93
CA GLY A 251 -5.33 30.46 21.51
C GLY A 251 -6.20 31.14 20.47
N MET A 252 -5.66 31.37 19.28
CA MET A 252 -6.43 32.00 18.21
C MET A 252 -7.55 31.09 17.74
N ALA A 253 -7.27 29.80 17.64
CA ALA A 253 -8.31 28.84 17.28
C ALA A 253 -9.43 28.82 18.32
N GLU A 254 -9.05 28.77 19.59
CA GLU A 254 -10.01 28.75 20.68
C GLU A 254 -10.88 30.01 20.68
N ALA A 255 -10.25 31.15 20.42
CA ALA A 255 -10.95 32.45 20.35
C ALA A 255 -12.01 32.48 19.25
N GLU A 256 -11.79 31.69 18.19
CA GLU A 256 -12.74 31.56 17.09
C GLU A 256 -13.85 30.51 17.38
N GLY A 257 -13.75 29.77 18.47
CA GLY A 257 -14.71 28.70 18.78
C GLY A 257 -14.37 27.38 18.14
N ALA A 258 -13.23 27.30 17.45
CA ALA A 258 -12.73 26.00 16.96
C ALA A 258 -12.19 25.23 18.16
N VAL A 259 -12.32 23.92 18.14
CA VAL A 259 -11.85 23.07 19.21
C VAL A 259 -10.52 22.46 18.79
N PRO A 260 -9.41 22.91 19.40
CA PRO A 260 -8.15 22.22 19.12
C PRO A 260 -8.21 20.76 19.55
N PHE A 261 -7.68 19.86 18.72
CA PHE A 261 -7.67 18.46 19.12
C PHE A 261 -6.37 17.69 18.87
N LEU A 262 -5.50 18.21 18.01
CA LEU A 262 -4.27 17.49 17.67
C LEU A 262 -3.16 18.45 17.26
N VAL A 263 -1.95 18.13 17.72
CA VAL A 263 -0.74 18.77 17.25
C VAL A 263 0.12 17.68 16.60
N SER A 264 0.61 17.96 15.40
CA SER A 264 1.53 17.06 14.70
C SER A 264 2.92 17.67 14.68
N ALA A 265 3.82 17.11 15.47
CA ALA A 265 5.22 17.52 15.48
C ALA A 265 5.98 16.71 14.45
N THR A 266 7.08 17.23 13.94
CA THR A 266 7.86 16.51 12.92
C THR A 266 9.26 16.24 13.43
N SER A 267 9.64 14.97 13.45
CA SER A 267 10.99 14.55 13.85
C SER A 267 11.72 14.09 12.60
N GLY A 268 12.33 15.05 11.92
CA GLY A 268 13.03 14.82 10.65
C GLY A 268 12.21 15.31 9.48
N THR A 269 12.30 16.61 9.19
CA THR A 269 11.59 17.19 8.06
C THR A 269 12.20 16.73 6.73
N THR A 270 11.37 16.73 5.68
CA THR A 270 11.81 16.12 4.42
C THR A 270 12.93 16.89 3.72
N VAL A 271 12.90 18.22 3.81
CA VAL A 271 13.93 19.01 3.12
C VAL A 271 15.16 19.21 3.99
N LEU A 272 15.02 19.94 5.09
CA LEU A 272 16.14 20.28 5.97
C LEU A 272 16.56 19.19 6.95
N GLY A 273 15.69 18.22 7.20
CA GLY A 273 15.96 17.22 8.23
C GLY A 273 15.92 17.76 9.65
N ALA A 274 15.10 18.79 9.89
CA ALA A 274 15.00 19.40 11.21
C ALA A 274 14.15 18.53 12.14
N PHE A 275 14.41 18.64 13.44
CA PHE A 275 13.67 17.94 14.48
C PHE A 275 12.95 18.92 15.38
N ASP A 276 11.63 18.81 15.48
CA ASP A 276 10.85 19.68 16.35
C ASP A 276 11.19 19.43 17.81
N PRO A 277 11.05 20.47 18.65
CA PRO A 277 11.32 20.35 20.10
C PRO A 277 10.20 19.67 20.87
N LEU A 278 10.27 18.34 20.95
CA LEU A 278 9.13 17.55 21.40
C LEU A 278 8.76 17.77 22.87
N GLU A 279 9.74 18.01 23.75
CA GLU A 279 9.44 18.20 25.17
C GLU A 279 8.61 19.47 25.33
N ALA A 280 9.05 20.56 24.69
CA ALA A 280 8.31 21.82 24.74
C ALA A 280 6.92 21.72 24.09
N ILE A 281 6.83 21.02 22.97
CA ILE A 281 5.55 20.82 22.31
C ILE A 281 4.62 19.94 23.14
N ALA A 282 5.16 18.86 23.73
CA ALA A 282 4.39 18.03 24.64
C ALA A 282 3.85 18.83 25.83
N ASP A 283 4.64 19.78 26.33
CA ASP A 283 4.16 20.65 27.41
C ASP A 283 2.94 21.47 27.00
N VAL A 284 2.97 22.05 25.81
CA VAL A 284 1.83 22.80 25.28
C VAL A 284 0.63 21.86 25.12
N CYS A 285 0.86 20.66 24.58
CA CYS A 285 -0.23 19.72 24.41
C CYS A 285 -0.88 19.32 25.72
N GLN A 286 -0.04 19.09 26.73
CA GLN A 286 -0.50 18.69 28.06
C GLN A 286 -1.35 19.79 28.69
N ARG A 287 -0.91 21.03 28.51
CA ARG A 287 -1.64 22.21 29.03
C ARG A 287 -3.02 22.36 28.43
N HIS A 288 -3.17 21.95 27.16
CA HIS A 288 -4.43 22.11 26.42
C HIS A 288 -5.23 20.83 26.20
N GLY A 289 -4.74 19.71 26.74
CA GLY A 289 -5.39 18.41 26.58
C GLY A 289 -5.44 17.88 25.17
N LEU A 290 -4.37 18.13 24.40
CA LEU A 290 -4.34 17.81 22.96
C LEU A 290 -3.59 16.52 22.68
N TRP A 291 -4.07 15.78 21.69
CA TRP A 291 -3.35 14.61 21.16
C TRP A 291 -2.08 15.08 20.47
N LEU A 292 -0.96 14.43 20.82
CA LEU A 292 0.33 14.71 20.20
C LEU A 292 0.68 13.57 19.27
N HIS A 293 0.69 13.88 17.98
CA HIS A 293 1.19 12.96 16.98
C HIS A 293 2.60 13.42 16.58
N VAL A 294 3.55 12.48 16.48
CA VAL A 294 4.88 12.80 15.99
C VAL A 294 5.08 12.11 14.64
N ASP A 295 5.27 12.94 13.60
CA ASP A 295 5.57 12.43 12.28
C ASP A 295 7.07 12.21 12.25
N ALA A 296 7.46 10.99 12.61
CA ALA A 296 8.84 10.58 12.57
C ALA A 296 9.06 9.61 11.40
N ALA A 297 8.32 9.79 10.31
CA ALA A 297 8.47 8.91 9.15
C ALA A 297 9.93 8.77 8.78
N TRP A 298 10.63 9.92 8.76
CA TRP A 298 12.03 9.99 8.38
C TRP A 298 12.93 9.87 9.60
N GLY A 299 12.75 10.72 10.61
CA GLY A 299 13.68 10.73 11.73
C GLY A 299 13.51 9.63 12.77
N GLY A 300 12.41 8.88 12.72
CA GLY A 300 12.16 7.85 13.73
C GLY A 300 13.27 6.81 13.82
N SER A 301 13.89 6.48 12.68
CA SER A 301 14.94 5.47 12.63
C SER A 301 16.17 5.86 13.48
N VAL A 302 16.32 7.14 13.77
CA VAL A 302 17.44 7.59 14.59
C VAL A 302 17.32 7.05 16.02
N LEU A 303 16.14 6.56 16.41
CA LEU A 303 15.96 5.93 17.73
C LEU A 303 16.88 4.71 17.94
N LEU A 304 17.36 4.10 16.86
CA LEU A 304 18.32 3.00 16.93
C LEU A 304 19.71 3.44 17.38
N SER A 305 20.00 4.75 17.35
CA SER A 305 21.33 5.25 17.66
C SER A 305 21.39 5.83 19.08
N GLN A 306 22.23 5.24 19.93
CA GLN A 306 22.39 5.82 21.27
C GLN A 306 22.95 7.24 21.20
N THR A 307 23.86 7.47 20.26
CA THR A 307 24.52 8.77 20.08
C THR A 307 23.55 9.87 19.66
N HIS A 308 22.61 9.54 18.77
CA HIS A 308 21.80 10.55 18.11
C HIS A 308 20.32 10.57 18.50
N ARG A 309 19.86 9.60 19.29
CA ARG A 309 18.44 9.50 19.58
C ARG A 309 17.91 10.66 20.41
N HIS A 310 18.80 11.42 21.04
CA HIS A 310 18.37 12.61 21.77
C HIS A 310 17.65 13.63 20.88
N LEU A 311 17.85 13.54 19.57
CA LEU A 311 17.08 14.37 18.64
C LEU A 311 15.58 14.17 18.78
N LEU A 312 15.17 13.00 19.29
CA LEU A 312 13.75 12.69 19.53
C LEU A 312 13.36 12.68 21.02
N ASP A 313 14.15 13.33 21.87
CA ASP A 313 13.82 13.41 23.28
C ASP A 313 12.41 13.96 23.45
N GLY A 314 11.61 13.24 24.25
CA GLY A 314 10.24 13.60 24.49
C GLY A 314 9.22 12.79 23.70
N ILE A 315 9.70 12.00 22.75
CA ILE A 315 8.81 11.25 21.88
C ILE A 315 7.94 10.26 22.66
N GLN A 316 8.45 9.76 23.79
CA GLN A 316 7.64 8.87 24.62
C GLN A 316 6.37 9.54 25.19
N ARG A 317 6.31 10.87 25.13
CA ARG A 317 5.15 11.60 25.59
C ARG A 317 4.06 11.68 24.51
N ALA A 318 4.35 11.23 23.29
CA ALA A 318 3.36 11.29 22.22
C ALA A 318 2.23 10.30 22.43
N ASP A 319 1.08 10.60 21.88
CA ASP A 319 0.01 9.65 21.76
C ASP A 319 0.21 8.70 20.58
N SER A 320 0.80 9.22 19.50
CA SER A 320 1.02 8.42 18.29
C SER A 320 2.32 8.82 17.61
N VAL A 321 2.94 7.85 16.95
CA VAL A 321 4.20 8.07 16.22
C VAL A 321 4.13 7.38 14.87
N ALA A 322 4.38 8.13 13.79
CA ALA A 322 4.59 7.51 12.46
C ALA A 322 6.08 7.35 12.23
N TRP A 323 6.47 6.17 11.74
CA TRP A 323 7.89 5.85 11.48
C TRP A 323 7.98 4.97 10.25
N ASN A 324 8.81 5.35 9.27
CA ASN A 324 8.99 4.57 8.04
C ASN A 324 10.37 3.90 8.00
N PRO A 325 10.47 2.66 8.47
CA PRO A 325 11.73 1.96 8.25
C PRO A 325 12.14 1.80 6.78
N HIS A 326 11.23 1.97 5.81
CA HIS A 326 11.64 1.95 4.39
C HIS A 326 12.50 3.14 3.99
N LYS A 327 12.58 4.16 4.82
CA LYS A 327 13.47 5.29 4.54
C LYS A 327 14.84 4.96 5.11
N LEU A 328 15.20 5.44 6.30
CA LEU A 328 16.60 5.32 6.71
C LEU A 328 17.09 3.89 6.94
N LEU A 329 16.19 2.97 7.31
CA LEU A 329 16.62 1.60 7.60
C LEU A 329 16.67 0.73 6.33
N ALA A 330 16.20 1.23 5.19
CA ALA A 330 16.35 0.55 3.90
C ALA A 330 15.54 -0.74 3.79
N ALA A 331 14.37 -0.80 4.45
CA ALA A 331 13.60 -2.03 4.46
C ALA A 331 12.91 -2.40 3.15
N GLY A 332 12.59 -1.39 2.34
CA GLY A 332 11.87 -1.58 1.08
C GLY A 332 10.49 -0.93 1.12
N LEU A 333 10.12 -0.22 0.06
CA LEU A 333 8.81 0.43 -0.01
C LEU A 333 7.70 -0.63 -0.03
N GLN A 334 6.64 -0.51 0.76
CA GLN A 334 6.44 0.41 1.86
C GLN A 334 6.65 -0.35 3.18
N CYS A 335 7.15 0.36 4.18
CA CYS A 335 7.32 -0.18 5.50
C CYS A 335 7.14 1.01 6.41
N SER A 336 5.89 1.21 6.79
CA SER A 336 5.40 2.45 7.43
CA SER A 336 5.48 2.43 7.48
C SER A 336 4.52 2.09 8.60
N ALA A 337 4.99 2.31 9.83
CA ALA A 337 4.28 1.92 11.03
C ALA A 337 3.61 3.14 11.67
N LEU A 338 2.44 2.90 12.27
CA LEU A 338 1.82 3.83 13.18
C LEU A 338 1.82 3.17 14.55
N LEU A 339 2.44 3.84 15.52
CA LEU A 339 2.62 3.31 16.85
C LEU A 339 1.81 4.14 17.83
N LEU A 340 1.11 3.46 18.74
CA LEU A 340 0.24 4.12 19.73
C LEU A 340 0.59 3.71 21.13
N GLN A 341 0.50 4.67 22.05
CA GLN A 341 0.67 4.38 23.46
C GLN A 341 -0.57 3.65 24.01
N ASP A 342 -1.71 3.86 23.36
CA ASP A 342 -2.99 3.28 23.77
C ASP A 342 -2.96 1.77 23.95
N THR A 343 -3.57 1.28 25.02
CA THR A 343 -3.76 -0.15 25.20
C THR A 343 -5.24 -0.55 25.29
N SER A 344 -6.14 0.37 24.96
CA SER A 344 -7.57 0.16 25.13
C SER A 344 -8.29 -0.21 23.82
N ASN A 345 -7.55 -0.73 22.85
CA ASN A 345 -8.12 -1.11 21.56
C ASN A 345 -8.81 0.05 20.82
N LEU A 346 -8.26 1.24 20.98
CA LEU A 346 -8.76 2.40 20.25
C LEU A 346 -8.80 2.14 18.74
N LEU A 347 -7.77 1.48 18.20
CA LEU A 347 -7.74 1.16 16.77
C LEU A 347 -8.95 0.34 16.32
N LYS A 348 -9.23 -0.75 17.03
CA LYS A 348 -10.38 -1.60 16.69
C LYS A 348 -11.71 -0.88 16.92
N ARG A 349 -11.80 -0.07 17.99
CA ARG A 349 -13.04 0.65 18.26
C ARG A 349 -13.30 1.71 17.19
N CYS A 350 -12.24 2.37 16.75
CA CYS A 350 -12.35 3.45 15.79
C CYS A 350 -12.61 2.94 14.38
N HIS A 351 -11.92 1.88 13.98
CA HIS A 351 -11.99 1.39 12.59
C HIS A 351 -12.83 0.14 12.36
N GLY A 352 -13.26 -0.51 13.43
CA GLY A 352 -13.98 -1.77 13.31
C GLY A 352 -15.37 -1.61 12.72
N SER A 353 -15.83 -2.63 12.01
CA SER A 353 -17.19 -2.65 11.48
C SER A 353 -18.23 -2.91 12.56
N LYS A 363 -14.18 -19.74 16.95
CA LYS A 363 -12.87 -19.99 16.34
C LYS A 363 -11.94 -20.78 17.27
N PHE A 364 -11.08 -21.58 16.67
CA PHE A 364 -10.17 -22.47 17.41
C PHE A 364 -8.81 -21.84 17.69
N TYR A 365 -8.72 -20.52 17.50
CA TYR A 365 -7.62 -19.74 18.04
C TYR A 365 -8.16 -18.42 18.57
N ASP A 366 -7.31 -17.72 19.31
CA ASP A 366 -7.66 -16.44 19.91
C ASP A 366 -7.85 -15.40 18.83
N VAL A 367 -9.11 -14.96 18.64
CA VAL A 367 -9.44 -13.97 17.60
C VAL A 367 -8.84 -12.59 17.88
N ALA A 368 -8.33 -12.40 19.09
CA ALA A 368 -7.55 -11.21 19.42
C ALA A 368 -6.31 -11.08 18.54
N LEU A 369 -5.85 -12.20 17.96
CA LEU A 369 -4.70 -12.16 17.05
C LEU A 369 -5.04 -11.45 15.74
N ASP A 370 -6.29 -11.52 15.29
CA ASP A 370 -6.70 -10.97 13.99
C ASP A 370 -6.68 -9.43 14.02
N THR A 371 -6.26 -8.79 12.92
CA THR A 371 -6.07 -7.33 12.91
C THR A 371 -6.99 -6.58 11.96
N GLY A 372 -7.89 -7.27 11.27
CA GLY A 372 -8.76 -6.60 10.32
C GLY A 372 -9.56 -5.43 10.85
N ASP A 373 -10.00 -5.48 12.10
CA ASP A 373 -10.78 -4.37 12.68
C ASP A 373 -9.94 -3.12 12.94
N LYS A 374 -8.61 -3.25 12.95
CA LYS A 374 -7.76 -2.11 13.27
C LYS A 374 -7.58 -1.10 12.13
N VAL A 375 -7.98 -1.47 10.91
CA VAL A 375 -7.60 -0.72 9.72
C VAL A 375 -8.85 -0.40 8.90
N VAL A 376 -8.74 0.60 8.02
CA VAL A 376 -9.82 0.85 7.06
C VAL A 376 -9.54 0.13 5.74
N GLN A 377 -8.36 -0.45 5.63
CA GLN A 377 -8.10 -1.44 4.60
C GLN A 377 -8.84 -2.72 4.95
N CYS A 378 -8.98 -3.58 3.95
CA CYS A 378 -9.45 -4.93 4.17
CA CYS A 378 -9.47 -4.93 4.14
C CYS A 378 -8.26 -5.85 3.92
N GLY A 379 -8.00 -6.25 2.68
CA GLY A 379 -6.76 -6.95 2.37
C GLY A 379 -5.60 -6.02 2.72
N ARG A 380 -4.51 -6.61 3.21
CA ARG A 380 -3.36 -5.82 3.59
C ARG A 380 -2.09 -6.61 3.33
N ARG A 381 -1.12 -5.97 2.67
CA ARG A 381 0.17 -6.59 2.34
C ARG A 381 0.94 -6.93 3.58
N VAL A 382 1.77 -7.96 3.49
CA VAL A 382 2.75 -8.26 4.51
C VAL A 382 3.97 -7.34 4.30
N ASP A 383 4.25 -6.48 5.28
CA ASP A 383 5.37 -5.55 5.21
C ASP A 383 6.45 -5.82 6.27
N CYS A 384 6.18 -6.72 7.21
CA CYS A 384 7.07 -6.93 8.36
C CYS A 384 8.30 -7.80 8.07
N LEU A 385 8.19 -8.76 7.14
CA LEU A 385 9.26 -9.75 6.99
C LEU A 385 10.54 -9.13 6.48
N LYS A 386 10.45 -8.26 5.49
CA LYS A 386 11.65 -7.60 4.96
C LYS A 386 12.43 -6.85 6.05
N LEU A 387 11.72 -6.18 6.95
CA LEU A 387 12.35 -5.47 8.05
C LEU A 387 12.91 -6.45 9.08
N TRP A 388 12.11 -7.43 9.46
CA TRP A 388 12.48 -8.38 10.48
C TRP A 388 13.72 -9.18 10.07
N LEU A 389 13.77 -9.66 8.82
CA LEU A 389 14.91 -10.48 8.39
C LEU A 389 16.21 -9.69 8.38
N MET A 390 16.15 -8.45 7.90
CA MET A 390 17.32 -7.58 7.94
C MET A 390 17.74 -7.30 9.37
N TRP A 391 16.77 -7.05 10.25
CA TRP A 391 17.07 -6.75 11.65
C TRP A 391 17.64 -7.98 12.36
N LYS A 392 17.19 -9.18 11.98
CA LYS A 392 17.81 -10.42 12.50
C LYS A 392 19.27 -10.52 12.05
N ALA A 393 19.54 -10.23 10.79
CA ALA A 393 20.90 -10.34 10.28
C ALA A 393 21.85 -9.32 10.91
N GLN A 394 21.37 -8.08 11.02
CA GLN A 394 22.18 -6.94 11.46
C GLN A 394 22.23 -6.80 12.98
N GLY A 395 21.14 -7.14 13.64
CA GLY A 395 20.91 -6.73 15.03
C GLY A 395 20.71 -5.25 15.22
N ASP A 396 20.33 -4.82 16.41
CA ASP A 396 20.35 -3.40 16.74
C ASP A 396 21.74 -2.84 16.45
N GLN A 397 22.78 -3.61 16.77
CA GLN A 397 24.16 -3.13 16.65
C GLN A 397 24.49 -2.74 15.21
N GLY A 398 24.09 -3.59 14.26
CA GLY A 398 24.36 -3.34 12.85
C GLY A 398 23.59 -2.16 12.32
N LEU A 399 22.32 -2.08 12.70
CA LEU A 399 21.50 -0.94 12.26
C LEU A 399 22.00 0.36 12.86
N GLU A 400 22.42 0.33 14.13
CA GLU A 400 22.98 1.49 14.81
C GLU A 400 24.27 1.96 14.12
N ARG A 401 25.14 1.02 13.75
CA ARG A 401 26.41 1.35 13.10
C ARG A 401 26.13 2.10 11.81
N ARG A 402 25.15 1.62 11.06
CA ARG A 402 24.76 2.27 9.82
C ARG A 402 24.26 3.70 10.04
N ILE A 403 23.36 3.88 11.00
CA ILE A 403 22.84 5.23 11.29
C ILE A 403 24.00 6.16 11.65
N ASP A 404 24.90 5.69 12.52
CA ASP A 404 25.98 6.54 12.98
C ASP A 404 26.93 6.90 11.84
N GLN A 405 27.16 5.95 10.95
CA GLN A 405 28.03 6.20 9.79
C GLN A 405 27.40 7.20 8.83
N ALA A 406 26.08 7.16 8.66
CA ALA A 406 25.42 8.16 7.84
C ALA A 406 25.60 9.57 8.39
N PHE A 407 25.50 9.74 9.71
CA PHE A 407 25.73 11.05 10.32
C PHE A 407 27.20 11.48 10.08
N VAL A 408 28.13 10.55 10.23
CA VAL A 408 29.55 10.86 10.01
C VAL A 408 29.78 11.32 8.56
N LEU A 409 29.17 10.62 7.61
CA LEU A 409 29.38 10.97 6.19
C LEU A 409 28.70 12.29 5.84
N ALA A 410 27.55 12.58 6.45
CA ALA A 410 26.87 13.84 6.20
C ALA A 410 27.76 14.98 6.68
N ARG A 411 28.33 14.83 7.88
CA ARG A 411 29.21 15.85 8.42
C ARG A 411 30.50 16.00 7.60
N TYR A 412 31.01 14.88 7.11
CA TYR A 412 32.18 14.89 6.22
C TYR A 412 31.89 15.70 4.97
N LEU A 413 30.73 15.45 4.36
CA LEU A 413 30.34 16.17 3.15
C LEU A 413 30.28 17.68 3.41
N VAL A 414 29.69 18.08 4.54
CA VAL A 414 29.58 19.50 4.90
C VAL A 414 30.96 20.11 5.08
N GLU A 415 31.81 19.41 5.82
CA GLU A 415 33.14 19.94 6.08
C GLU A 415 33.95 20.07 4.80
N GLU A 416 33.86 19.08 3.92
CA GLU A 416 34.60 19.11 2.66
C GLU A 416 34.11 20.18 1.71
N MET A 417 32.79 20.37 1.68
CA MET A 417 32.17 21.40 0.84
C MET A 417 32.66 22.80 1.18
N LYS A 418 32.86 23.05 2.46
CA LYS A 418 33.31 24.36 2.94
C LYS A 418 34.71 24.70 2.44
N LYS A 419 35.48 23.66 2.09
CA LYS A 419 36.89 23.81 1.67
C LYS A 419 37.01 24.15 0.18
N ARG A 420 35.92 24.02 -0.56
CA ARG A 420 35.94 24.23 -1.99
C ARG A 420 35.29 25.54 -2.31
N GLU A 421 35.63 26.11 -3.45
CA GLU A 421 34.94 27.32 -3.90
C GLU A 421 33.68 26.89 -4.64
N GLY A 422 32.62 27.64 -4.44
CA GLY A 422 31.38 27.44 -5.20
C GLY A 422 30.32 26.58 -4.55
N PHE A 423 30.46 26.32 -3.25
CA PHE A 423 29.40 25.70 -2.46
C PHE A 423 28.94 26.62 -1.34
N GLU A 424 27.64 26.87 -1.27
CA GLU A 424 27.03 27.68 -0.22
C GLU A 424 26.07 26.77 0.56
N LEU A 425 26.40 26.50 1.80
CA LEU A 425 25.56 25.67 2.66
C LEU A 425 24.31 26.44 3.07
N VAL A 426 23.14 25.79 2.99
CA VAL A 426 21.91 26.40 3.49
C VAL A 426 21.94 26.58 5.01
N MET A 427 22.35 25.53 5.72
CA MET A 427 22.48 25.55 7.16
C MET A 427 23.29 24.32 7.55
N GLU A 428 23.80 24.31 8.78
CA GLU A 428 24.46 23.12 9.32
C GLU A 428 23.37 22.07 9.52
N PRO A 429 23.57 20.87 8.99
CA PRO A 429 22.51 19.85 9.11
C PRO A 429 22.39 19.26 10.52
N GLU A 430 21.16 19.10 10.98
CA GLU A 430 20.83 18.39 12.19
C GLU A 430 20.80 16.87 11.97
N PHE A 431 20.65 16.45 10.72
CA PHE A 431 20.39 15.04 10.38
C PHE A 431 21.32 14.66 9.23
N VAL A 432 20.82 13.94 8.22
CA VAL A 432 21.64 13.50 7.10
C VAL A 432 21.18 14.16 5.78
N ASN A 433 20.36 15.20 5.89
CA ASN A 433 19.93 16.02 4.76
C ASN A 433 20.92 17.17 4.67
N VAL A 434 21.74 17.17 3.63
CA VAL A 434 22.74 18.21 3.43
C VAL A 434 22.30 19.10 2.27
N CYS A 435 21.98 20.35 2.60
CA CYS A 435 21.33 21.26 1.67
C CYS A 435 22.28 22.41 1.31
N PHE A 436 22.46 22.63 0.01
CA PHE A 436 23.43 23.63 -0.45
C PHE A 436 23.16 24.07 -1.88
N TRP A 437 23.67 25.25 -2.22
CA TRP A 437 23.75 25.70 -3.60
C TRP A 437 25.15 25.44 -4.15
N PHE A 438 25.23 25.12 -5.43
CA PHE A 438 26.47 25.20 -6.16
C PHE A 438 26.48 26.51 -6.93
N VAL A 439 27.51 27.32 -6.67
CA VAL A 439 27.68 28.62 -7.32
C VAL A 439 28.72 28.44 -8.42
N PRO A 440 28.30 28.52 -9.69
CA PRO A 440 29.25 28.30 -10.77
C PRO A 440 30.21 29.48 -10.92
N PRO A 441 31.34 29.27 -11.61
CA PRO A 441 32.33 30.33 -11.78
C PRO A 441 31.76 31.67 -12.23
N SER A 442 30.77 31.66 -13.13
CA SER A 442 30.21 32.92 -13.64
C SER A 442 29.53 33.78 -12.56
N LEU A 443 29.11 33.16 -11.46
CA LEU A 443 28.40 33.89 -10.39
C LEU A 443 29.24 34.11 -9.14
N ARG A 444 30.45 33.56 -9.09
CA ARG A 444 31.27 33.73 -7.89
C ARG A 444 31.70 35.19 -7.75
N GLY A 445 31.52 35.73 -6.54
CA GLY A 445 31.81 37.13 -6.26
C GLY A 445 30.67 38.09 -6.55
N LYS A 446 29.58 37.60 -7.16
CA LYS A 446 28.50 38.47 -7.63
C LYS A 446 27.30 38.49 -6.69
N GLN A 447 27.54 38.16 -5.42
CA GLN A 447 26.50 37.99 -4.42
C GLN A 447 25.71 39.28 -4.19
N GLU A 448 26.38 40.42 -4.39
CA GLU A 448 25.77 41.73 -4.17
C GLU A 448 25.09 42.30 -5.42
N SER A 449 25.15 41.58 -6.53
CA SER A 449 24.38 41.93 -7.72
C SER A 449 22.89 41.79 -7.40
N PRO A 450 22.06 42.65 -7.99
CA PRO A 450 20.65 42.70 -7.57
C PRO A 450 19.80 41.47 -7.96
N ASP A 451 20.27 40.69 -8.91
N ASP A 451 20.27 40.71 -8.95
CA ASP A 451 19.52 39.53 -9.40
CA ASP A 451 19.57 39.55 -9.51
C ASP A 451 20.32 38.25 -9.25
C ASP A 451 20.29 38.22 -9.22
N TYR A 452 21.15 38.22 -8.22
CA TYR A 452 22.00 37.07 -7.91
C TYR A 452 21.21 35.79 -7.60
N HIS A 453 20.25 35.88 -6.67
CA HIS A 453 19.50 34.68 -6.24
C HIS A 453 18.66 34.11 -7.37
N GLU A 454 18.10 34.99 -8.20
CA GLU A 454 17.34 34.54 -9.35
C GLU A 454 18.19 33.74 -10.35
N ARG A 455 19.39 34.24 -10.63
CA ARG A 455 20.33 33.54 -11.51
C ARG A 455 20.81 32.24 -10.88
N LEU A 456 21.10 32.29 -9.59
CA LEU A 456 21.65 31.11 -8.88
C LEU A 456 20.61 29.98 -8.85
N SER A 457 19.35 30.35 -8.67
CA SER A 457 18.26 29.36 -8.64
C SER A 457 18.16 28.48 -9.90
N LYS A 458 18.59 29.02 -11.05
CA LYS A 458 18.50 28.30 -12.31
C LYS A 458 19.62 27.28 -12.51
N VAL A 459 20.61 27.28 -11.63
CA VAL A 459 21.78 26.42 -11.80
C VAL A 459 21.47 24.95 -11.46
N ALA A 460 20.80 24.71 -10.34
CA ALA A 460 20.53 23.31 -9.95
C ALA A 460 19.77 22.51 -11.00
N PRO A 461 18.69 23.07 -11.58
CA PRO A 461 18.01 22.39 -12.70
C PRO A 461 18.93 22.00 -13.87
N VAL A 462 19.87 22.88 -14.26
CA VAL A 462 20.81 22.56 -15.33
C VAL A 462 21.78 21.43 -14.92
N LEU A 463 22.32 21.52 -13.70
CA LEU A 463 23.22 20.47 -13.20
C LEU A 463 22.49 19.14 -13.08
N LYS A 464 21.23 19.18 -12.66
CA LYS A 464 20.44 17.96 -12.53
C LYS A 464 20.24 17.28 -13.88
N GLU A 465 19.86 18.08 -14.87
CA GLU A 465 19.71 17.56 -16.20
C GLU A 465 21.02 16.93 -16.68
N ARG A 466 22.13 17.61 -16.44
CA ARG A 466 23.43 17.09 -16.87
C ARG A 466 23.83 15.77 -16.21
N MET A 467 23.67 15.68 -14.89
CA MET A 467 24.07 14.46 -14.18
C MET A 467 23.16 13.29 -14.55
N VAL A 468 21.88 13.58 -14.76
CA VAL A 468 20.95 12.53 -15.18
C VAL A 468 21.27 12.01 -16.58
N LYS A 469 21.55 12.90 -17.53
CA LYS A 469 21.85 12.47 -18.88
C LYS A 469 23.21 11.76 -19.01
N GLU A 470 24.13 12.10 -18.12
CA GLU A 470 25.41 11.40 -18.03
C GLU A 470 25.27 10.05 -17.32
N GLY A 471 24.31 9.99 -16.40
CA GLY A 471 24.02 8.76 -15.67
C GLY A 471 24.93 8.54 -14.48
N SER A 472 25.61 9.58 -14.04
CA SER A 472 26.65 9.45 -13.01
C SER A 472 26.18 9.67 -11.57
N MET A 473 25.04 10.34 -11.40
CA MET A 473 24.56 10.70 -10.07
C MET A 473 23.15 11.30 -10.21
N MET A 474 22.37 11.24 -9.14
CA MET A 474 21.09 11.96 -9.07
C MET A 474 20.94 12.59 -7.70
N ILE A 475 20.72 13.91 -7.68
CA ILE A 475 20.49 14.67 -6.48
C ILE A 475 19.22 15.48 -6.67
N GLY A 476 18.34 15.44 -5.68
CA GLY A 476 17.12 16.25 -5.72
C GLY A 476 17.40 17.72 -5.45
N TYR A 477 16.58 18.60 -6.02
CA TYR A 477 16.61 20.02 -5.64
C TYR A 477 15.20 20.55 -5.42
N GLN A 478 15.13 21.66 -4.71
CA GLN A 478 13.86 22.35 -4.45
C GLN A 478 14.13 23.73 -3.91
N PRO A 479 13.18 24.66 -4.10
CA PRO A 479 13.29 25.94 -3.43
C PRO A 479 12.74 25.85 -2.01
N HIS A 480 12.91 26.90 -1.22
CA HIS A 480 12.50 26.90 0.18
C HIS A 480 12.50 28.32 0.72
N GLY A 481 11.52 28.64 1.56
CA GLY A 481 11.40 29.98 2.10
C GLY A 481 11.37 31.03 1.02
N THR A 482 12.24 32.02 1.14
CA THR A 482 12.29 33.15 0.20
C THR A 482 13.30 32.95 -0.92
N ARG A 483 14.02 31.82 -0.90
CA ARG A 483 15.07 31.59 -1.87
C ARG A 483 14.83 30.38 -2.76
N GLY A 484 15.64 30.29 -3.81
CA GLY A 484 15.39 29.39 -4.90
C GLY A 484 16.04 28.03 -4.72
N ASN A 485 16.10 27.33 -5.84
CA ASN A 485 16.47 25.93 -5.92
C ASN A 485 17.83 25.65 -5.30
N PHE A 486 17.85 24.77 -4.31
CA PHE A 486 19.11 24.23 -3.77
C PHE A 486 19.03 22.73 -3.75
N PHE A 487 20.20 22.11 -3.74
CA PHE A 487 20.29 20.65 -3.67
C PHE A 487 20.06 20.14 -2.26
N ARG A 488 19.40 19.00 -2.17
CA ARG A 488 19.33 18.23 -0.94
C ARG A 488 19.99 16.88 -1.20
N VAL A 489 21.16 16.69 -0.62
CA VAL A 489 21.82 15.38 -0.69
C VAL A 489 21.44 14.63 0.58
N VAL A 490 20.80 13.48 0.41
CA VAL A 490 20.44 12.65 1.54
C VAL A 490 21.48 11.54 1.64
N VAL A 491 22.19 11.52 2.78
CA VAL A 491 23.28 10.56 3.01
C VAL A 491 22.66 9.38 3.79
N ALA A 492 22.18 8.38 3.07
CA ALA A 492 21.42 7.27 3.68
C ALA A 492 21.93 5.89 3.26
N ASN A 493 22.55 5.79 2.08
CA ASN A 493 22.93 4.50 1.52
C ASN A 493 24.05 3.89 2.36
N SER A 494 23.84 2.67 2.87
CA SER A 494 24.83 2.03 3.73
C SER A 494 26.16 1.72 3.01
N ALA A 495 26.13 1.72 1.69
CA ALA A 495 27.33 1.47 0.88
C ALA A 495 28.24 2.67 0.72
N LEU A 496 27.79 3.85 1.14
CA LEU A 496 28.58 5.07 0.95
C LEU A 496 29.91 5.03 1.69
N THR A 497 30.91 5.65 1.06
CA THR A 497 32.20 5.87 1.65
C THR A 497 32.57 7.34 1.47
N CYS A 498 33.64 7.77 2.13
CA CYS A 498 34.16 9.13 1.92
C CYS A 498 34.43 9.42 0.44
N ALA A 499 34.96 8.44 -0.27
CA ALA A 499 35.25 8.60 -1.70
C ALA A 499 34.01 8.96 -2.50
N ASP A 500 32.84 8.46 -2.10
CA ASP A 500 31.60 8.86 -2.77
C ASP A 500 31.26 10.33 -2.55
N MET A 501 31.61 10.85 -1.38
CA MET A 501 31.32 12.24 -1.06
C MET A 501 32.29 13.14 -1.83
N ASP A 502 33.55 12.71 -1.90
CA ASP A 502 34.54 13.42 -2.73
C ASP A 502 34.08 13.44 -4.20
N PHE A 503 33.61 12.30 -4.70
CA PHE A 503 33.12 12.17 -6.06
C PHE A 503 32.01 13.16 -6.34
N LEU A 504 31.06 13.24 -5.42
CA LEU A 504 29.92 14.16 -5.58
C LEU A 504 30.39 15.59 -5.79
N LEU A 505 31.31 16.03 -4.92
CA LEU A 505 31.80 17.42 -5.00
C LEU A 505 32.60 17.61 -6.27
N ASN A 506 33.46 16.65 -6.59
CA ASN A 506 34.28 16.75 -7.80
C ASN A 506 33.41 16.81 -9.04
N GLU A 507 32.34 16.01 -9.06
CA GLU A 507 31.45 15.96 -10.22
C GLU A 507 30.64 17.24 -10.39
N LEU A 508 30.14 17.83 -9.31
CA LEU A 508 29.40 19.09 -9.44
C LEU A 508 30.33 20.18 -9.96
N GLU A 509 31.56 20.23 -9.45
CA GLU A 509 32.55 21.18 -9.97
C GLU A 509 32.78 20.97 -11.47
N ARG A 510 32.94 19.73 -11.90
CA ARG A 510 33.16 19.42 -13.31
C ARG A 510 31.96 19.79 -14.19
N LEU A 511 30.77 19.38 -13.77
CA LEU A 511 29.55 19.67 -14.54
C LEU A 511 29.16 21.14 -14.53
N GLY A 512 29.63 21.90 -13.55
CA GLY A 512 29.23 23.30 -13.39
C GLY A 512 30.27 24.31 -13.86
N GLN A 513 31.40 23.82 -14.34
CA GLN A 513 32.53 24.70 -14.67
C GLN A 513 32.17 25.78 -15.70
N ASP A 514 31.37 25.41 -16.69
CA ASP A 514 31.00 26.34 -17.79
C ASP A 514 29.71 27.10 -17.53
N LEU A 515 29.11 26.94 -16.36
CA LEU A 515 27.89 27.65 -16.02
C LEU A 515 28.25 28.95 -15.33
N LEU B 29 36.48 4.81 6.30
CA LEU B 29 35.18 4.14 6.61
C LEU B 29 34.81 3.15 5.52
N PRO B 30 34.53 1.89 5.89
CA PRO B 30 34.12 0.89 4.90
C PRO B 30 32.64 0.98 4.55
N SER B 31 32.28 0.48 3.36
CA SER B 31 30.87 0.24 3.03
C SER B 31 30.27 -0.73 4.04
N LEU B 32 29.05 -0.43 4.49
CA LEU B 32 28.33 -1.28 5.44
C LEU B 32 27.22 -2.05 4.73
N ALA B 33 27.32 -2.17 3.41
CA ALA B 33 26.25 -2.80 2.61
C ALA B 33 26.33 -4.31 2.63
N GLY B 34 27.53 -4.84 2.86
CA GLY B 34 27.75 -6.28 2.99
C GLY B 34 28.89 -6.77 2.12
N ASP B 35 29.61 -7.80 2.58
CA ASP B 35 30.70 -8.40 1.82
C ASP B 35 30.14 -8.96 0.52
N PRO B 36 30.61 -8.47 -0.64
CA PRO B 36 29.94 -8.88 -1.88
C PRO B 36 30.16 -10.34 -2.31
N VAL B 37 31.12 -11.05 -1.69
CA VAL B 37 31.18 -12.50 -1.86
C VAL B 37 29.99 -13.14 -1.13
N ALA B 38 29.64 -12.57 0.02
CA ALA B 38 28.49 -13.03 0.80
C ALA B 38 27.14 -12.75 0.13
N VAL B 39 27.01 -11.61 -0.58
CA VAL B 39 25.72 -11.21 -1.15
C VAL B 39 25.20 -12.19 -2.20
N GLU B 40 26.04 -12.49 -3.18
CA GLU B 40 25.70 -13.46 -4.20
C GLU B 40 25.39 -14.81 -3.56
N ALA B 41 26.20 -15.21 -2.58
CA ALA B 41 26.01 -16.51 -1.91
C ALA B 41 24.69 -16.54 -1.16
N LEU B 42 24.41 -15.47 -0.43
CA LEU B 42 23.15 -15.35 0.29
C LEU B 42 21.93 -15.46 -0.61
N LEU B 43 21.87 -14.63 -1.65
CA LEU B 43 20.67 -14.55 -2.48
C LEU B 43 20.46 -15.83 -3.28
N ARG B 44 21.56 -16.42 -3.74
CA ARG B 44 21.49 -17.73 -4.39
C ARG B 44 20.89 -18.79 -3.44
N ALA B 45 21.36 -18.83 -2.20
CA ALA B 45 20.84 -19.77 -1.21
C ALA B 45 19.36 -19.51 -0.90
N VAL B 46 19.01 -18.25 -0.67
CA VAL B 46 17.60 -17.91 -0.41
C VAL B 46 16.71 -18.27 -1.59
N PHE B 47 17.12 -17.93 -2.81
CA PHE B 47 16.27 -18.22 -3.95
C PHE B 47 16.10 -19.74 -4.12
N GLY B 48 17.14 -20.50 -3.83
CA GLY B 48 17.02 -21.96 -3.81
C GLY B 48 15.93 -22.47 -2.87
N VAL B 49 15.88 -21.93 -1.66
CA VAL B 49 14.86 -22.31 -0.69
C VAL B 49 13.48 -21.88 -1.17
N VAL B 50 13.40 -20.67 -1.74
CA VAL B 50 12.12 -20.18 -2.27
C VAL B 50 11.60 -21.11 -3.37
N VAL B 51 12.46 -21.46 -4.33
CA VAL B 51 12.05 -22.36 -5.42
C VAL B 51 11.58 -23.70 -4.86
N ASP B 52 12.39 -24.33 -4.03
CA ASP B 52 12.09 -25.67 -3.53
C ASP B 52 10.85 -25.70 -2.63
N GLU B 53 10.78 -24.76 -1.69
CA GLU B 53 9.82 -24.84 -0.60
C GLU B 53 8.58 -23.98 -0.81
N ALA B 54 8.72 -22.80 -1.42
CA ALA B 54 7.58 -21.91 -1.62
C ALA B 54 6.91 -22.13 -2.97
N ILE B 55 7.71 -22.15 -4.03
CA ILE B 55 7.20 -22.23 -5.39
C ILE B 55 6.78 -23.64 -5.78
N GLN B 56 7.61 -24.63 -5.44
CA GLN B 56 7.34 -26.02 -5.84
C GLN B 56 6.47 -26.74 -4.80
N LYS B 57 7.00 -26.95 -3.60
CA LYS B 57 6.22 -27.66 -2.56
C LYS B 57 4.95 -26.92 -2.16
N GLY B 58 4.99 -25.58 -2.20
CA GLY B 58 3.82 -24.76 -1.89
C GLY B 58 2.66 -24.77 -2.89
N THR B 59 2.87 -25.39 -4.06
CA THR B 59 1.81 -25.50 -5.06
C THR B 59 1.55 -26.96 -5.43
N SER B 60 2.11 -27.88 -4.65
CA SER B 60 1.99 -29.30 -4.97
C SER B 60 0.85 -29.93 -4.18
N VAL B 61 -0.03 -30.66 -4.88
CA VAL B 61 -1.16 -31.31 -4.21
C VAL B 61 -0.72 -32.45 -3.29
N SER B 62 0.53 -32.87 -3.38
CA SER B 62 1.05 -33.89 -2.49
C SER B 62 1.56 -33.32 -1.18
N GLN B 63 1.57 -31.98 -1.06
CA GLN B 63 2.02 -31.33 0.16
C GLN B 63 0.84 -30.64 0.84
N LYS B 64 1.03 -30.25 2.10
CA LYS B 64 -0.03 -29.62 2.88
C LYS B 64 -0.27 -28.16 2.47
N VAL B 65 -1.53 -27.74 2.55
CA VAL B 65 -1.92 -26.32 2.32
C VAL B 65 -1.44 -25.45 3.47
N CYS B 66 -1.33 -26.06 4.64
CA CYS B 66 -0.95 -25.33 5.85
C CYS B 66 -0.45 -26.32 6.87
N GLU B 67 0.45 -25.87 7.72
CA GLU B 67 0.95 -26.68 8.82
C GLU B 67 0.57 -26.01 10.12
N TRP B 68 -0.61 -26.37 10.63
CA TRP B 68 -1.19 -25.71 11.76
C TRP B 68 -0.29 -25.79 13.00
N LYS B 69 -0.09 -24.63 13.63
CA LYS B 69 0.57 -24.55 14.92
C LYS B 69 -0.19 -23.59 15.81
N GLU B 70 -0.36 -23.96 17.08
CA GLU B 70 -0.96 -23.06 18.05
C GLU B 70 -0.03 -21.85 18.14
N PRO B 71 -0.61 -20.65 18.29
CA PRO B 71 0.21 -19.42 18.40
C PRO B 71 1.44 -19.54 19.31
N GLU B 72 1.29 -20.05 20.52
CA GLU B 72 2.43 -20.17 21.42
C GLU B 72 3.50 -21.14 20.95
N GLU B 73 3.10 -22.23 20.29
CA GLU B 73 4.09 -23.14 19.71
C GLU B 73 4.83 -22.46 18.56
N LEU B 74 4.08 -21.76 17.70
CA LEU B 74 4.72 -21.10 16.57
C LEU B 74 5.68 -20.01 17.03
N LYS B 75 5.31 -19.27 18.07
CA LYS B 75 6.28 -18.33 18.65
C LYS B 75 7.59 -18.99 19.04
N GLN B 76 7.48 -20.14 19.71
CA GLN B 76 8.67 -20.89 20.12
C GLN B 76 9.51 -21.32 18.91
N LEU B 77 8.86 -21.80 17.85
CA LEU B 77 9.53 -22.23 16.65
C LEU B 77 10.20 -21.08 15.89
N LEU B 78 9.68 -19.87 16.03
CA LEU B 78 10.18 -18.74 15.24
C LEU B 78 11.23 -17.85 15.94
N ASP B 79 11.30 -17.89 17.27
CA ASP B 79 12.31 -17.10 18.04
C ASP B 79 12.42 -15.68 17.51
N LEU B 80 11.33 -14.94 17.68
CA LEU B 80 11.11 -13.72 16.93
C LEU B 80 11.86 -12.49 17.44
N GLU B 81 12.17 -12.42 18.72
CA GLU B 81 12.53 -11.12 19.32
C GLU B 81 13.75 -10.49 18.66
N LEU B 82 13.61 -9.22 18.31
CA LEU B 82 14.69 -8.48 17.67
C LEU B 82 15.63 -7.96 18.74
N ARG B 83 16.94 -8.12 18.53
CA ARG B 83 17.92 -8.05 19.61
C ARG B 83 19.22 -7.42 19.15
N SER B 84 20.17 -7.31 20.09
CA SER B 84 21.36 -6.51 19.90
C SER B 84 22.30 -7.06 18.82
N GLN B 85 22.61 -8.35 18.91
CA GLN B 85 23.58 -8.98 18.03
C GLN B 85 22.92 -9.55 16.80
N GLY B 86 23.61 -9.45 15.67
CA GLY B 86 23.13 -10.04 14.43
C GLY B 86 23.33 -11.54 14.36
N GLU B 87 23.08 -12.10 13.19
CA GLU B 87 23.15 -13.53 12.96
C GLU B 87 23.92 -13.87 11.71
N SER B 88 24.35 -15.12 11.63
CA SER B 88 25.10 -15.62 10.50
C SER B 88 24.20 -16.00 9.33
N GLN B 89 24.81 -16.18 8.17
CA GLN B 89 24.08 -16.67 7.01
C GLN B 89 23.36 -18.01 7.28
N LYS B 90 24.03 -18.93 7.95
CA LYS B 90 23.42 -20.21 8.28
C LYS B 90 22.16 -20.02 9.11
N GLN B 91 22.25 -19.17 10.14
CA GLN B 91 21.10 -18.89 11.00
C GLN B 91 19.96 -18.24 10.21
N ILE B 92 20.31 -17.30 9.34
CA ILE B 92 19.32 -16.60 8.52
C ILE B 92 18.59 -17.56 7.58
N LEU B 93 19.33 -18.46 6.94
CA LEU B 93 18.69 -19.43 6.04
C LEU B 93 17.75 -20.37 6.78
N GLU B 94 18.13 -20.80 7.99
CA GLU B 94 17.22 -21.59 8.82
C GLU B 94 15.92 -20.83 9.11
N ARG B 95 16.02 -19.53 9.36
CA ARG B 95 14.82 -18.72 9.60
C ARG B 95 13.97 -18.62 8.35
N CYS B 96 14.60 -18.44 7.19
CA CYS B 96 13.88 -18.42 5.93
C CYS B 96 13.09 -19.72 5.72
N ARG B 97 13.74 -20.84 5.99
CA ARG B 97 13.07 -22.14 5.86
C ARG B 97 11.83 -22.24 6.78
N ALA B 98 11.98 -21.79 8.02
CA ALA B 98 10.90 -21.84 8.99
C ALA B 98 9.72 -20.94 8.59
N VAL B 99 10.03 -19.73 8.14
CA VAL B 99 8.99 -18.81 7.70
C VAL B 99 8.15 -19.42 6.58
N ILE B 100 8.81 -20.06 5.61
CA ILE B 100 8.11 -20.66 4.48
C ILE B 100 7.35 -21.92 4.93
N ARG B 101 8.01 -22.74 5.74
CA ARG B 101 7.40 -23.99 6.20
C ARG B 101 6.06 -23.76 6.86
N TYR B 102 5.99 -22.79 7.78
CA TYR B 102 4.80 -22.61 8.62
C TYR B 102 3.80 -21.60 8.07
N SER B 103 4.12 -21.00 6.93
CA SER B 103 3.20 -20.09 6.27
C SER B 103 2.16 -20.89 5.47
N VAL B 104 0.97 -20.31 5.34
CA VAL B 104 -0.08 -20.90 4.53
C VAL B 104 0.30 -20.79 3.04
N LYS B 105 0.02 -21.86 2.30
CA LYS B 105 0.39 -21.95 0.91
C LYS B 105 -0.80 -21.47 0.08
N THR B 106 -0.86 -20.16 -0.13
CA THR B 106 -1.96 -19.56 -0.89
C THR B 106 -1.95 -19.87 -2.38
N GLY B 107 -0.84 -20.42 -2.89
CA GLY B 107 -0.77 -20.85 -4.27
C GLY B 107 -1.26 -22.28 -4.46
N HIS B 108 -1.55 -22.97 -3.35
CA HIS B 108 -1.91 -24.38 -3.37
C HIS B 108 -3.29 -24.57 -3.99
N PRO B 109 -3.45 -25.61 -4.84
CA PRO B 109 -4.78 -25.82 -5.44
C PRO B 109 -5.92 -26.10 -4.45
N ARG B 110 -5.60 -26.49 -3.22
CA ARG B 110 -6.66 -26.72 -2.25
C ARG B 110 -6.81 -25.56 -1.24
N PHE B 111 -6.27 -24.39 -1.58
CA PHE B 111 -6.53 -23.15 -0.85
C PHE B 111 -7.73 -22.45 -1.49
N PHE B 112 -8.87 -22.48 -0.79
CA PHE B 112 -10.12 -21.93 -1.27
C PHE B 112 -10.68 -20.86 -0.32
N ASN B 113 -9.84 -20.33 0.57
CA ASN B 113 -10.28 -19.51 1.72
C ASN B 113 -10.59 -18.04 1.41
N GLN B 114 -10.04 -17.53 0.31
CA GLN B 114 -10.09 -16.10 0.00
C GLN B 114 -10.54 -15.85 -1.43
N LEU B 115 -10.56 -14.58 -1.84
CA LEU B 115 -10.85 -14.21 -3.23
C LEU B 115 -9.59 -14.12 -4.08
N PHE B 116 -8.48 -14.60 -3.53
CA PHE B 116 -7.28 -14.86 -4.30
C PHE B 116 -6.81 -16.29 -4.02
N SER B 117 -6.24 -16.92 -5.04
CA SER B 117 -5.63 -18.23 -4.89
C SER B 117 -4.75 -18.46 -6.10
N GLY B 118 -3.62 -19.12 -5.90
CA GLY B 118 -2.74 -19.46 -6.99
C GLY B 118 -1.47 -18.65 -7.02
N LEU B 119 -0.49 -19.16 -7.74
CA LEU B 119 0.80 -18.52 -7.87
C LEU B 119 1.20 -18.43 -9.33
N ASP B 120 0.79 -17.35 -9.99
CA ASP B 120 1.13 -17.16 -11.38
C ASP B 120 2.62 -16.84 -11.48
N PRO B 121 3.36 -17.60 -12.31
CA PRO B 121 4.81 -17.47 -12.33
C PRO B 121 5.29 -16.17 -12.95
N HIS B 122 4.53 -15.63 -13.89
CA HIS B 122 4.89 -14.37 -14.51
C HIS B 122 4.61 -13.20 -13.59
N ALA B 123 3.47 -13.25 -12.92
CA ALA B 123 3.20 -12.24 -11.88
C ALA B 123 4.29 -12.30 -10.80
N LEU B 124 4.69 -13.50 -10.39
CA LEU B 124 5.75 -13.61 -9.39
C LEU B 124 7.08 -13.03 -9.90
N ALA B 125 7.42 -13.33 -11.14
CA ALA B 125 8.63 -12.76 -11.76
C ALA B 125 8.59 -11.23 -11.69
N GLY B 126 7.44 -10.67 -12.04
CA GLY B 126 7.25 -9.23 -11.98
C GLY B 126 7.37 -8.70 -10.57
N ARG B 127 6.81 -9.42 -9.60
CA ARG B 127 6.93 -9.03 -8.19
C ARG B 127 8.41 -9.01 -7.76
N ILE B 128 9.16 -10.03 -8.14
CA ILE B 128 10.56 -10.15 -7.76
C ILE B 128 11.36 -8.99 -8.37
N ILE B 129 11.13 -8.69 -9.64
CA ILE B 129 11.78 -7.54 -10.29
C ILE B 129 11.44 -6.24 -9.56
N THR B 130 10.16 -6.03 -9.27
CA THR B 130 9.69 -4.83 -8.57
C THR B 130 10.44 -4.65 -7.25
N GLU B 131 10.55 -5.72 -6.49
CA GLU B 131 11.17 -5.64 -5.18
C GLU B 131 12.65 -5.33 -5.29
N SER B 132 13.29 -5.84 -6.35
CA SER B 132 14.72 -5.64 -6.57
CA SER B 132 14.72 -5.63 -6.54
C SER B 132 15.04 -4.20 -6.99
N LEU B 133 14.08 -3.58 -7.68
CA LEU B 133 14.22 -2.22 -8.18
C LEU B 133 13.82 -1.14 -7.17
N ASN B 134 13.05 -1.54 -6.17
CA ASN B 134 12.62 -0.68 -5.05
C ASN B 134 12.53 0.81 -5.40
N THR B 135 11.52 1.19 -6.16
CA THR B 135 11.27 2.60 -6.39
C THR B 135 9.85 3.01 -6.05
N SER B 136 9.60 4.30 -6.09
CA SER B 136 8.28 4.86 -5.84
C SER B 136 7.62 5.27 -7.16
N GLN B 137 6.34 4.91 -7.28
CA GLN B 137 5.54 5.17 -8.47
C GLN B 137 5.07 6.62 -8.36
N TYR B 138 5.93 7.54 -8.80
CA TYR B 138 5.81 8.95 -8.43
C TYR B 138 6.07 9.89 -9.60
N THR B 139 7.32 9.97 -10.05
CA THR B 139 7.69 10.81 -11.17
C THR B 139 8.41 9.99 -12.23
N TYR B 140 8.37 10.46 -13.47
CA TYR B 140 9.10 9.84 -14.55
C TYR B 140 10.60 9.80 -14.21
N GLU B 141 11.07 10.77 -13.44
CA GLU B 141 12.50 10.86 -13.09
C GLU B 141 13.02 9.69 -12.27
N ILE B 142 12.21 9.15 -11.35
CA ILE B 142 12.67 8.02 -10.55
C ILE B 142 12.01 6.70 -10.93
N ALA B 143 11.00 6.75 -11.81
CA ALA B 143 10.29 5.53 -12.22
C ALA B 143 9.87 5.62 -13.69
N PRO B 144 10.82 5.84 -14.59
CA PRO B 144 10.44 6.09 -15.99
C PRO B 144 9.69 4.93 -16.63
N VAL B 145 10.18 3.72 -16.42
CA VAL B 145 9.51 2.57 -17.02
C VAL B 145 8.10 2.41 -16.46
N PHE B 146 7.99 2.54 -15.14
CA PHE B 146 6.72 2.26 -14.48
C PHE B 146 5.69 3.38 -14.66
N VAL B 147 6.14 4.61 -14.82
CA VAL B 147 5.21 5.70 -15.19
C VAL B 147 4.53 5.40 -16.53
N LEU B 148 5.30 4.96 -17.50
CA LEU B 148 4.73 4.62 -18.80
C LEU B 148 3.89 3.35 -18.73
N MET B 149 4.39 2.35 -18.01
CA MET B 149 3.70 1.08 -17.89
C MET B 149 2.37 1.20 -17.19
N GLU B 150 2.31 1.97 -16.11
CA GLU B 150 1.05 2.14 -15.37
C GLU B 150 0.00 2.78 -16.25
N GLU B 151 0.39 3.78 -17.05
CA GLU B 151 -0.51 4.44 -17.97
CA GLU B 151 -0.57 4.43 -17.92
C GLU B 151 -1.15 3.43 -18.90
N GLU B 152 -0.31 2.56 -19.48
CA GLU B 152 -0.80 1.52 -20.42
C GLU B 152 -1.74 0.55 -19.71
N VAL B 153 -1.37 0.11 -18.51
CA VAL B 153 -2.21 -0.83 -17.79
C VAL B 153 -3.58 -0.21 -17.50
N LEU B 154 -3.60 1.04 -17.04
CA LEU B 154 -4.86 1.70 -16.74
C LEU B 154 -5.70 1.93 -18.01
N ARG B 155 -5.03 2.25 -19.11
CA ARG B 155 -5.73 2.42 -20.39
C ARG B 155 -6.41 1.09 -20.81
N LYS B 156 -5.68 0.00 -20.65
CA LYS B 156 -6.20 -1.33 -21.00
C LYS B 156 -7.40 -1.69 -20.11
N LEU B 157 -7.28 -1.48 -18.80
CA LEU B 157 -8.41 -1.75 -17.92
C LEU B 157 -9.62 -0.90 -18.30
N ARG B 158 -9.41 0.38 -18.61
CA ARG B 158 -10.49 1.24 -19.05
C ARG B 158 -11.14 0.67 -20.33
N ALA B 159 -10.33 0.19 -21.28
CA ALA B 159 -10.86 -0.36 -22.53
C ALA B 159 -11.80 -1.52 -22.25
N LEU B 160 -11.43 -2.35 -21.28
CA LEU B 160 -12.26 -3.50 -20.93
C LEU B 160 -13.56 -3.09 -20.26
N VAL B 161 -13.55 -1.98 -19.52
CA VAL B 161 -14.79 -1.42 -18.98
C VAL B 161 -15.71 -0.92 -20.09
N GLY B 162 -15.11 -0.45 -21.18
CA GLY B 162 -15.83 0.11 -22.30
C GLY B 162 -15.49 1.55 -22.60
N TRP B 163 -14.37 2.02 -22.07
CA TRP B 163 -13.94 3.40 -22.22
C TRP B 163 -12.67 3.51 -23.02
N SER B 164 -12.68 4.40 -24.01
CA SER B 164 -11.47 4.66 -24.78
CA SER B 164 -11.49 4.69 -24.80
C SER B 164 -10.83 5.99 -24.37
N SER B 165 -11.39 6.62 -23.34
CA SER B 165 -10.80 7.83 -22.75
C SER B 165 -11.06 7.78 -21.26
N GLY B 166 -10.25 8.50 -20.49
CA GLY B 166 -10.45 8.55 -19.05
C GLY B 166 -9.17 8.68 -18.26
N ASP B 167 -9.26 8.28 -16.99
CA ASP B 167 -8.17 8.44 -16.05
C ASP B 167 -8.24 7.31 -15.04
N GLY B 168 -7.33 7.33 -14.08
CA GLY B 168 -7.32 6.30 -13.07
C GLY B 168 -6.03 6.28 -12.32
N ILE B 169 -6.03 5.48 -11.26
N ILE B 169 -5.97 5.38 -11.35
CA ILE B 169 -4.89 5.32 -10.34
CA ILE B 169 -4.82 5.31 -10.47
C ILE B 169 -4.85 3.89 -9.84
C ILE B 169 -4.87 3.98 -9.72
N PHE B 170 -3.71 3.49 -9.28
CA PHE B 170 -3.65 2.32 -8.40
C PHE B 170 -3.67 2.81 -6.96
N CYS B 171 -4.38 2.05 -6.12
CA CYS B 171 -4.59 2.35 -4.71
C CYS B 171 -4.13 1.17 -3.88
N PRO B 172 -3.81 1.38 -2.59
CA PRO B 172 -3.40 0.28 -1.72
C PRO B 172 -4.61 -0.47 -1.17
N GLY B 173 -5.29 -1.17 -2.06
CA GLY B 173 -6.49 -1.94 -1.75
C GLY B 173 -7.75 -1.33 -2.34
N GLY B 174 -8.72 -2.19 -2.64
CA GLY B 174 -10.00 -1.75 -3.13
C GLY B 174 -10.83 -0.94 -2.15
N SER B 175 -10.63 -1.19 -0.87
CA SER B 175 -11.28 -0.39 0.16
C SER B 175 -10.91 1.08 -0.02
N ILE B 176 -9.62 1.33 -0.22
CA ILE B 176 -9.17 2.70 -0.45
C ILE B 176 -9.61 3.23 -1.83
N SER B 177 -9.62 2.37 -2.86
CA SER B 177 -10.23 2.76 -4.13
C SER B 177 -11.66 3.30 -3.95
N ASN B 178 -12.46 2.60 -3.15
CA ASN B 178 -13.83 3.00 -2.91
C ASN B 178 -13.87 4.35 -2.22
N MET B 179 -12.96 4.56 -1.27
CA MET B 179 -12.89 5.84 -0.56
C MET B 179 -12.51 6.97 -1.50
N TYR B 180 -11.54 6.72 -2.39
N TYR B 180 -11.56 6.72 -2.38
CA TYR B 180 -11.18 7.70 -3.41
CA TYR B 180 -11.19 7.72 -3.37
C TYR B 180 -12.42 8.12 -4.21
C TYR B 180 -12.42 8.12 -4.22
N ALA B 181 -13.21 7.14 -4.64
CA ALA B 181 -14.41 7.41 -5.45
C ALA B 181 -15.38 8.33 -4.71
N VAL B 182 -15.61 8.05 -3.42
CA VAL B 182 -16.48 8.88 -2.61
C VAL B 182 -15.92 10.28 -2.45
N ASN B 183 -14.62 10.38 -2.19
CA ASN B 183 -13.97 11.69 -2.08
C ASN B 183 -14.09 12.50 -3.38
N LEU B 184 -13.93 11.84 -4.51
CA LEU B 184 -13.99 12.49 -5.82
C LEU B 184 -15.40 12.98 -6.12
N ALA B 185 -16.39 12.16 -5.80
CA ALA B 185 -17.79 12.53 -6.02
C ALA B 185 -18.17 13.72 -5.13
N ARG B 186 -17.68 13.69 -3.89
CA ARG B 186 -17.93 14.80 -2.97
C ARG B 186 -17.28 16.07 -3.51
N TYR B 187 -16.06 15.96 -4.00
CA TYR B 187 -15.33 17.11 -4.50
C TYR B 187 -16.00 17.71 -5.74
N GLN B 188 -16.47 16.85 -6.63
CA GLN B 188 -17.11 17.35 -7.85
C GLN B 188 -18.33 18.16 -7.46
N ARG B 189 -19.10 17.67 -6.50
CA ARG B 189 -20.34 18.34 -6.10
C ARG B 189 -20.07 19.59 -5.28
N TYR B 190 -19.07 19.52 -4.40
CA TYR B 190 -18.75 20.57 -3.44
C TYR B 190 -17.25 20.81 -3.39
N PRO B 191 -16.67 21.42 -4.43
CA PRO B 191 -15.21 21.54 -4.46
C PRO B 191 -14.63 22.34 -3.30
N ASP B 192 -15.41 23.27 -2.76
CA ASP B 192 -14.93 24.04 -1.62
C ASP B 192 -14.72 23.22 -0.35
N CYS B 193 -15.28 22.01 -0.27
CA CYS B 193 -15.10 21.22 0.92
CA CYS B 193 -15.11 21.10 0.86
C CYS B 193 -13.63 20.81 1.09
N LYS B 194 -12.85 20.79 0.02
CA LYS B 194 -11.42 20.50 0.15
C LYS B 194 -10.74 21.48 1.11
N GLN B 195 -11.13 22.76 1.04
CA GLN B 195 -10.61 23.79 1.95
C GLN B 195 -11.44 23.94 3.21
N ARG B 196 -12.76 23.99 3.07
CA ARG B 196 -13.65 24.36 4.19
C ARG B 196 -14.19 23.21 5.00
N GLY B 197 -14.11 21.99 4.47
CA GLY B 197 -14.64 20.82 5.17
C GLY B 197 -16.13 20.68 4.94
N LEU B 198 -16.68 19.57 5.37
CA LEU B 198 -18.09 19.34 5.05
C LEU B 198 -19.05 19.75 6.17
N ARG B 199 -18.53 20.27 7.28
CA ARG B 199 -19.37 20.51 8.46
C ARG B 199 -20.56 21.44 8.22
N THR B 200 -20.38 22.46 7.39
CA THR B 200 -21.47 23.41 7.12
C THR B 200 -22.22 23.10 5.82
N LEU B 201 -21.81 22.05 5.10
CA LEU B 201 -22.50 21.62 3.88
C LEU B 201 -23.74 20.85 4.28
N PRO B 202 -24.68 20.62 3.35
CA PRO B 202 -25.83 19.85 3.77
C PRO B 202 -25.47 18.42 4.13
N PRO B 203 -26.41 17.66 4.70
CA PRO B 203 -26.13 16.26 4.94
C PRO B 203 -26.00 15.56 3.61
N LEU B 204 -25.00 14.72 3.45
CA LEU B 204 -24.80 13.99 2.21
C LEU B 204 -25.25 12.55 2.40
N ALA B 205 -25.87 11.98 1.36
CA ALA B 205 -26.33 10.59 1.39
C ALA B 205 -25.71 9.77 0.27
N LEU B 206 -25.19 8.60 0.61
CA LEU B 206 -24.77 7.62 -0.40
C LEU B 206 -25.48 6.30 -0.16
N PHE B 207 -25.49 5.44 -1.19
CA PHE B 207 -26.36 4.28 -1.23
C PHE B 207 -25.59 3.07 -1.69
N THR B 208 -25.82 1.94 -1.02
CA THR B 208 -25.16 0.70 -1.38
C THR B 208 -26.02 -0.49 -0.96
N SER B 209 -25.73 -1.64 -1.54
CA SER B 209 -26.50 -2.86 -1.29
C SER B 209 -26.26 -3.39 0.11
N LYS B 210 -27.26 -4.06 0.66
CA LYS B 210 -27.09 -4.88 1.86
C LYS B 210 -25.99 -5.93 1.72
N GLU B 211 -25.70 -6.35 0.49
CA GLU B 211 -24.68 -7.36 0.23
C GLU B 211 -23.27 -6.79 0.09
N CYS B 212 -23.09 -5.50 0.25
N CYS B 212 -23.15 -5.46 0.19
CA CYS B 212 -21.76 -4.93 0.15
CA CYS B 212 -21.93 -4.73 -0.19
C CYS B 212 -21.78 -3.57 0.79
C CYS B 212 -20.78 -4.98 0.75
N HIS B 213 -21.62 -3.55 2.12
N HIS B 213 -19.59 -4.55 0.34
CA HIS B 213 -21.69 -2.30 2.84
CA HIS B 213 -18.40 -4.69 1.14
C HIS B 213 -20.52 -2.02 3.78
C HIS B 213 -18.43 -3.64 2.23
N TYR B 214 -19.63 -2.99 3.96
N TYR B 214 -18.12 -4.07 3.46
CA TYR B 214 -18.48 -2.84 4.90
CA TYR B 214 -18.23 -3.21 4.64
C TYR B 214 -17.38 -1.80 4.56
C TYR B 214 -17.34 -1.98 4.56
N SER B 215 -16.57 -1.90 3.47
CA SER B 215 -15.63 -0.79 3.21
C SER B 215 -16.35 0.51 2.93
N ILE B 216 -17.57 0.46 2.41
CA ILE B 216 -18.29 1.68 2.13
C ILE B 216 -18.55 2.39 3.46
N GLN B 217 -19.01 1.63 4.45
CA GLN B 217 -19.24 2.21 5.78
C GLN B 217 -17.96 2.68 6.47
N LYS B 218 -16.91 1.87 6.41
CA LYS B 218 -15.61 2.27 6.97
C LYS B 218 -15.11 3.55 6.30
N GLY B 219 -15.25 3.61 4.98
CA GLY B 219 -14.82 4.78 4.23
C GLY B 219 -15.61 6.02 4.59
N ALA B 220 -16.93 5.86 4.72
CA ALA B 220 -17.77 7.01 5.09
C ALA B 220 -17.35 7.58 6.45
N ALA B 221 -17.09 6.72 7.42
CA ALA B 221 -16.61 7.17 8.74
C ALA B 221 -15.28 7.90 8.63
N PHE B 222 -14.35 7.32 7.86
CA PHE B 222 -13.01 7.89 7.69
C PHE B 222 -13.07 9.26 7.02
N LEU B 223 -13.95 9.41 6.03
CA LEU B 223 -14.07 10.64 5.25
C LEU B 223 -14.83 11.74 5.98
N GLY B 224 -15.30 11.45 7.19
CA GLY B 224 -16.00 12.45 8.00
C GLY B 224 -17.51 12.55 7.76
N LEU B 225 -18.03 11.66 6.92
CA LEU B 225 -19.46 11.64 6.59
C LEU B 225 -20.29 10.95 7.67
N GLY B 226 -19.66 10.01 8.36
CA GLY B 226 -20.31 9.15 9.33
C GLY B 226 -20.98 7.97 8.66
N THR B 227 -21.02 6.83 9.34
CA THR B 227 -21.64 5.64 8.76
C THR B 227 -23.15 5.83 8.49
N ASP B 228 -23.80 6.72 9.23
CA ASP B 228 -25.22 7.01 9.04
C ASP B 228 -25.53 7.58 7.65
N SER B 229 -24.54 8.21 7.01
CA SER B 229 -24.70 8.73 5.67
C SER B 229 -24.90 7.63 4.63
N VAL B 230 -24.55 6.40 4.98
CA VAL B 230 -24.67 5.26 4.06
C VAL B 230 -26.06 4.63 4.24
N ARG B 231 -26.86 4.71 3.18
CA ARG B 231 -28.21 4.17 3.18
C ARG B 231 -28.10 2.79 2.55
N VAL B 232 -28.51 1.77 3.29
CA VAL B 232 -28.34 0.39 2.86
C VAL B 232 -29.61 -0.07 2.15
N VAL B 233 -29.46 -0.47 0.89
CA VAL B 233 -30.56 -0.79 0.00
C VAL B 233 -30.81 -2.30 -0.02
N LYS B 234 -32.09 -2.67 -0.09
CA LYS B 234 -32.46 -4.06 -0.06
C LYS B 234 -31.89 -4.80 -1.26
N ALA B 235 -31.52 -6.04 -1.01
CA ALA B 235 -31.09 -6.96 -2.05
C ALA B 235 -32.13 -8.08 -2.15
N ASP B 236 -32.29 -8.59 -3.35
CA ASP B 236 -33.27 -9.64 -3.61
C ASP B 236 -32.74 -11.05 -3.28
N GLU B 237 -33.53 -12.07 -3.61
CA GLU B 237 -33.18 -13.46 -3.32
C GLU B 237 -31.91 -13.97 -4.00
N ARG B 238 -31.47 -13.29 -5.07
N ARG B 238 -31.49 -13.29 -5.07
CA ARG B 238 -30.22 -13.63 -5.74
CA ARG B 238 -30.25 -13.61 -5.77
C ARG B 238 -29.05 -12.80 -5.22
C ARG B 238 -29.10 -12.70 -5.31
N GLY B 239 -29.30 -11.95 -4.24
CA GLY B 239 -28.26 -11.08 -3.67
C GLY B 239 -28.02 -9.80 -4.46
N LYS B 240 -28.97 -9.43 -5.32
CA LYS B 240 -28.82 -8.27 -6.21
C LYS B 240 -29.58 -7.06 -5.65
N MET B 241 -28.96 -5.88 -5.68
CA MET B 241 -29.66 -4.66 -5.25
C MET B 241 -30.98 -4.51 -6.00
N VAL B 242 -32.03 -4.09 -5.29
CA VAL B 242 -33.34 -3.85 -5.87
C VAL B 242 -33.47 -2.39 -6.27
N PRO B 243 -33.51 -2.11 -7.58
CA PRO B 243 -33.56 -0.70 -8.01
C PRO B 243 -34.76 0.07 -7.46
N GLU B 244 -35.90 -0.59 -7.26
CA GLU B 244 -37.07 0.09 -6.72
C GLU B 244 -36.78 0.57 -5.30
N ASP B 245 -36.01 -0.21 -4.54
CA ASP B 245 -35.69 0.19 -3.19
C ASP B 245 -34.64 1.29 -3.19
N LEU B 246 -33.74 1.27 -4.16
CA LEU B 246 -32.78 2.37 -4.30
C LEU B 246 -33.52 3.68 -4.45
N GLU B 247 -34.48 3.70 -5.38
CA GLU B 247 -35.28 4.90 -5.63
C GLU B 247 -36.02 5.33 -4.37
N ARG B 248 -36.62 4.36 -3.67
CA ARG B 248 -37.33 4.63 -2.41
C ARG B 248 -36.42 5.28 -1.37
N GLN B 249 -35.22 4.71 -1.23
CA GLN B 249 -34.27 5.21 -0.25
C GLN B 249 -33.73 6.59 -0.61
N ILE B 250 -33.57 6.86 -1.91
CA ILE B 250 -33.19 8.20 -2.35
C ILE B 250 -34.25 9.21 -1.89
N GLY B 251 -35.51 8.87 -2.07
CA GLY B 251 -36.61 9.77 -1.65
C GLY B 251 -36.66 9.97 -0.15
N MET B 252 -36.48 8.89 0.61
CA MET B 252 -36.46 8.98 2.06
C MET B 252 -35.32 9.88 2.56
N ALA B 253 -34.13 9.75 1.96
CA ALA B 253 -32.99 10.58 2.34
C ALA B 253 -33.30 12.06 2.11
N GLU B 254 -33.90 12.36 0.97
CA GLU B 254 -34.25 13.74 0.66
C GLU B 254 -35.27 14.26 1.68
N ALA B 255 -36.22 13.42 2.06
CA ALA B 255 -37.26 13.79 3.04
C ALA B 255 -36.69 14.07 4.43
N GLU B 256 -35.51 13.53 4.71
CA GLU B 256 -34.82 13.74 5.97
C GLU B 256 -33.86 14.92 5.92
N GLY B 257 -33.82 15.59 4.76
CA GLY B 257 -32.99 16.77 4.56
C GLY B 257 -31.67 16.54 3.85
N ALA B 258 -31.37 15.29 3.51
CA ALA B 258 -30.05 14.97 2.95
C ALA B 258 -29.99 15.21 1.45
N VAL B 259 -28.77 15.35 0.94
CA VAL B 259 -28.48 15.49 -0.47
C VAL B 259 -27.86 14.17 -0.97
N PRO B 260 -28.64 13.36 -1.71
CA PRO B 260 -28.04 12.20 -2.37
C PRO B 260 -26.92 12.62 -3.30
N PHE B 261 -25.79 11.91 -3.29
CA PHE B 261 -24.68 12.24 -4.21
C PHE B 261 -24.00 11.07 -4.88
N LEU B 262 -24.17 9.87 -4.32
CA LEU B 262 -23.43 8.73 -4.85
C LEU B 262 -24.15 7.43 -4.59
N VAL B 263 -24.16 6.57 -5.59
CA VAL B 263 -24.64 5.20 -5.46
C VAL B 263 -23.44 4.29 -5.77
N SER B 264 -23.21 3.30 -4.90
CA SER B 264 -22.18 2.30 -5.10
C SER B 264 -22.83 0.95 -5.42
N ALA B 265 -22.78 0.56 -6.68
CA ALA B 265 -23.24 -0.76 -7.13
C ALA B 265 -22.11 -1.75 -6.93
N THR B 266 -22.43 -3.03 -6.80
CA THR B 266 -21.41 -4.05 -6.62
C THR B 266 -21.53 -5.11 -7.72
N SER B 267 -20.43 -5.32 -8.44
CA SER B 267 -20.37 -6.31 -9.49
C SER B 267 -19.48 -7.44 -8.98
N GLY B 268 -20.10 -8.38 -8.27
CA GLY B 268 -19.43 -9.51 -7.66
C GLY B 268 -19.31 -9.30 -6.16
N THR B 269 -20.34 -9.67 -5.42
CA THR B 269 -20.30 -9.52 -3.98
C THR B 269 -19.36 -10.56 -3.35
N THR B 270 -18.86 -10.26 -2.17
CA THR B 270 -17.80 -11.10 -1.60
C THR B 270 -18.27 -12.49 -1.17
N VAL B 271 -19.50 -12.60 -0.68
CA VAL B 271 -19.99 -13.89 -0.20
C VAL B 271 -20.65 -14.67 -1.34
N LEU B 272 -21.76 -14.15 -1.86
CA LEU B 272 -22.53 -14.84 -2.90
C LEU B 272 -21.98 -14.73 -4.34
N GLY B 273 -21.14 -13.72 -4.60
CA GLY B 273 -20.69 -13.39 -5.95
C GLY B 273 -21.79 -12.85 -6.84
N ALA B 274 -22.77 -12.16 -6.26
CA ALA B 274 -23.87 -11.56 -7.01
C ALA B 274 -23.44 -10.31 -7.76
N PHE B 275 -24.15 -10.03 -8.84
CA PHE B 275 -23.88 -8.87 -9.69
C PHE B 275 -25.07 -7.95 -9.74
N ASP B 276 -24.89 -6.70 -9.31
CA ASP B 276 -26.00 -5.73 -9.27
C ASP B 276 -26.45 -5.41 -10.70
N PRO B 277 -27.73 -5.04 -10.86
CA PRO B 277 -28.26 -4.69 -12.19
C PRO B 277 -27.86 -3.27 -12.62
N LEU B 278 -26.72 -3.17 -13.30
CA LEU B 278 -26.12 -1.85 -13.53
C LEU B 278 -26.92 -0.94 -14.44
N GLU B 279 -27.60 -1.48 -15.45
CA GLU B 279 -28.37 -0.62 -16.37
C GLU B 279 -29.51 0.07 -15.62
N ALA B 280 -30.26 -0.70 -14.83
CA ALA B 280 -31.36 -0.15 -14.03
C ALA B 280 -30.86 0.84 -12.98
N ILE B 281 -29.73 0.54 -12.35
CA ILE B 281 -29.18 1.42 -11.34
C ILE B 281 -28.65 2.68 -12.01
N ALA B 282 -28.00 2.53 -13.15
CA ALA B 282 -27.54 3.71 -13.91
C ALA B 282 -28.72 4.64 -14.28
N ASP B 283 -29.86 4.04 -14.62
CA ASP B 283 -31.05 4.83 -14.92
C ASP B 283 -31.52 5.67 -13.72
N VAL B 284 -31.51 5.08 -12.54
CA VAL B 284 -31.87 5.79 -11.31
C VAL B 284 -30.86 6.92 -11.05
N CYS B 285 -29.58 6.62 -11.21
CA CYS B 285 -28.55 7.65 -11.02
C CYS B 285 -28.71 8.80 -11.99
N GLN B 286 -29.01 8.48 -13.25
CA GLN B 286 -29.20 9.51 -14.28
C GLN B 286 -30.38 10.42 -13.94
N ARG B 287 -31.48 9.82 -13.48
CA ARG B 287 -32.69 10.58 -13.12
C ARG B 287 -32.45 11.56 -11.99
N HIS B 288 -31.55 11.20 -11.07
CA HIS B 288 -31.30 12.01 -9.88
C HIS B 288 -29.96 12.77 -9.89
N GLY B 289 -29.20 12.65 -10.98
CA GLY B 289 -27.92 13.33 -11.10
C GLY B 289 -26.87 12.86 -10.09
N LEU B 290 -26.83 11.56 -9.85
CA LEU B 290 -25.92 10.97 -8.89
C LEU B 290 -24.71 10.30 -9.55
N TRP B 291 -23.59 10.39 -8.86
CA TRP B 291 -22.38 9.69 -9.26
C TRP B 291 -22.58 8.19 -9.07
N LEU B 292 -22.29 7.42 -10.09
CA LEU B 292 -22.36 5.96 -10.03
C LEU B 292 -20.97 5.37 -9.92
N HIS B 293 -20.69 4.76 -8.77
CA HIS B 293 -19.46 4.01 -8.55
C HIS B 293 -19.81 2.53 -8.65
N VAL B 294 -19.01 1.76 -9.37
CA VAL B 294 -19.18 0.32 -9.39
C VAL B 294 -18.00 -0.33 -8.67
N ASP B 295 -18.31 -1.02 -7.57
CA ASP B 295 -17.32 -1.78 -6.84
C ASP B 295 -17.23 -3.15 -7.50
N ALA B 296 -16.33 -3.23 -8.45
CA ALA B 296 -16.03 -4.43 -9.20
C ALA B 296 -14.68 -5.03 -8.75
N ALA B 297 -14.31 -4.84 -7.49
CA ALA B 297 -13.04 -5.33 -6.99
C ALA B 297 -12.86 -6.80 -7.34
N TRP B 298 -13.93 -7.55 -7.13
CA TRP B 298 -13.95 -9.00 -7.39
C TRP B 298 -14.44 -9.30 -8.80
N GLY B 299 -15.62 -8.81 -9.17
CA GLY B 299 -16.21 -9.15 -10.46
C GLY B 299 -15.63 -8.48 -11.68
N GLY B 300 -14.84 -7.42 -11.51
CA GLY B 300 -14.34 -6.68 -12.66
C GLY B 300 -13.51 -7.53 -13.62
N SER B 301 -12.80 -8.52 -13.08
CA SER B 301 -11.95 -9.37 -13.91
C SER B 301 -12.75 -10.15 -14.97
N VAL B 302 -14.05 -10.32 -14.73
CA VAL B 302 -14.91 -11.03 -15.67
C VAL B 302 -15.04 -10.27 -17.00
N LEU B 303 -14.68 -8.98 -17.00
CA LEU B 303 -14.66 -8.20 -18.23
C LEU B 303 -13.73 -8.81 -19.31
N LEU B 304 -12.76 -9.63 -18.90
CA LEU B 304 -11.87 -10.32 -19.86
C LEU B 304 -12.57 -11.45 -20.63
N SER B 305 -13.72 -11.88 -20.14
CA SER B 305 -14.46 -12.99 -20.76
C SER B 305 -15.57 -12.54 -21.70
N GLN B 306 -15.45 -12.88 -22.97
CA GLN B 306 -16.53 -12.61 -23.91
C GLN B 306 -17.83 -13.30 -23.50
N THR B 307 -17.70 -14.53 -23.00
CA THR B 307 -18.87 -15.32 -22.57
C THR B 307 -19.59 -14.74 -21.36
N HIS B 308 -18.84 -14.21 -20.38
CA HIS B 308 -19.43 -13.83 -19.09
C HIS B 308 -19.49 -12.33 -18.80
N ARG B 309 -18.84 -11.50 -19.62
CA ARG B 309 -18.80 -10.05 -19.36
C ARG B 309 -20.18 -9.38 -19.29
N HIS B 310 -21.22 -10.01 -19.85
CA HIS B 310 -22.58 -9.48 -19.76
C HIS B 310 -23.08 -9.29 -18.33
N LEU B 311 -22.46 -9.99 -17.38
CA LEU B 311 -22.76 -9.80 -15.98
C LEU B 311 -22.52 -8.34 -15.54
N LEU B 312 -21.65 -7.63 -16.27
CA LEU B 312 -21.35 -6.22 -15.98
C LEU B 312 -21.95 -5.27 -17.01
N ASP B 313 -22.95 -5.73 -17.77
CA ASP B 313 -23.61 -4.84 -18.72
C ASP B 313 -24.07 -3.57 -18.03
N GLY B 314 -23.72 -2.43 -18.61
CA GLY B 314 -24.07 -1.13 -18.06
C GLY B 314 -22.92 -0.44 -17.38
N ILE B 315 -21.85 -1.18 -17.12
CA ILE B 315 -20.72 -0.62 -16.36
C ILE B 315 -20.08 0.58 -17.06
N GLN B 316 -20.16 0.66 -18.38
CA GLN B 316 -19.61 1.82 -19.09
C GLN B 316 -20.35 3.13 -18.76
N ARG B 317 -21.53 3.02 -18.16
CA ARG B 317 -22.27 4.19 -17.70
C ARG B 317 -21.81 4.71 -16.35
N ALA B 318 -20.92 3.98 -15.69
CA ALA B 318 -20.42 4.39 -14.39
C ALA B 318 -19.54 5.63 -14.50
N ASP B 319 -19.47 6.37 -13.41
CA ASP B 319 -18.50 7.44 -13.29
C ASP B 319 -17.15 6.92 -12.80
N SER B 320 -17.17 5.86 -11.99
CA SER B 320 -15.95 5.24 -11.49
C SER B 320 -16.14 3.74 -11.28
N VAL B 321 -15.04 3.02 -11.41
CA VAL B 321 -15.01 1.57 -11.24
C VAL B 321 -13.78 1.18 -10.43
N ALA B 322 -14.00 0.41 -9.36
CA ALA B 322 -12.91 -0.24 -8.63
C ALA B 322 -12.78 -1.67 -9.13
N TRP B 323 -11.55 -2.10 -9.38
CA TRP B 323 -11.27 -3.45 -9.90
C TRP B 323 -9.94 -3.91 -9.28
N ASN B 324 -9.93 -5.11 -8.69
CA ASN B 324 -8.70 -5.69 -8.10
C ASN B 324 -8.19 -6.88 -8.91
N PRO B 325 -7.25 -6.64 -9.84
CA PRO B 325 -6.58 -7.77 -10.49
C PRO B 325 -5.84 -8.74 -9.55
N HIS B 326 -5.53 -8.34 -8.32
CA HIS B 326 -4.95 -9.29 -7.36
C HIS B 326 -5.92 -10.36 -6.90
N LYS B 327 -7.21 -10.22 -7.20
CA LYS B 327 -8.18 -11.25 -6.89
C LYS B 327 -8.22 -12.25 -8.04
N LEU B 328 -9.19 -12.14 -8.95
CA LEU B 328 -9.38 -13.22 -9.91
C LEU B 328 -8.25 -13.38 -10.93
N LEU B 329 -7.54 -12.29 -11.25
CA LEU B 329 -6.44 -12.38 -12.23
C LEU B 329 -5.11 -12.83 -11.62
N ALA B 330 -5.04 -12.95 -10.29
CA ALA B 330 -3.89 -13.52 -9.59
C ALA B 330 -2.61 -12.70 -9.67
N ALA B 331 -2.75 -11.37 -9.75
CA ALA B 331 -1.59 -10.50 -9.93
C ALA B 331 -0.64 -10.41 -8.73
N GLY B 332 -1.16 -10.61 -7.53
CA GLY B 332 -0.41 -10.46 -6.28
C GLY B 332 -0.89 -9.26 -5.49
N LEU B 333 -1.04 -9.44 -4.17
CA LEU B 333 -1.48 -8.34 -3.30
C LEU B 333 -0.42 -7.24 -3.28
N GLN B 334 -0.78 -5.96 -3.37
CA GLN B 334 -2.08 -5.44 -3.82
C GLN B 334 -1.98 -5.00 -5.28
N CYS B 335 -3.10 -5.13 -5.98
CA CYS B 335 -3.19 -4.67 -7.36
C CYS B 335 -4.64 -4.27 -7.53
N SER B 336 -4.92 -3.01 -7.23
CA SER B 336 -6.29 -2.51 -7.11
C SER B 336 -6.36 -1.16 -7.79
N ALA B 337 -7.12 -1.10 -8.88
CA ALA B 337 -7.26 0.10 -9.68
C ALA B 337 -8.58 0.81 -9.44
N LEU B 338 -8.53 2.14 -9.50
CA LEU B 338 -9.70 2.98 -9.62
C LEU B 338 -9.67 3.59 -11.03
N LEU B 339 -10.74 3.37 -11.77
CA LEU B 339 -10.86 3.79 -13.16
C LEU B 339 -11.98 4.83 -13.29
N LEU B 340 -11.72 5.88 -14.08
CA LEU B 340 -12.66 6.99 -14.27
C LEU B 340 -12.84 7.28 -15.75
N GLN B 341 -14.02 7.75 -16.15
CA GLN B 341 -14.17 8.26 -17.51
C GLN B 341 -13.69 9.73 -17.60
N ASP B 342 -13.42 10.32 -16.45
CA ASP B 342 -12.99 11.72 -16.35
C ASP B 342 -11.84 12.11 -17.26
N THR B 343 -11.99 13.26 -17.91
CA THR B 343 -10.92 13.84 -18.73
C THR B 343 -10.62 15.29 -18.35
N SER B 344 -10.88 15.64 -17.09
CA SER B 344 -10.72 16.99 -16.58
C SER B 344 -9.62 17.11 -15.52
N ASN B 345 -8.78 16.11 -15.40
CA ASN B 345 -7.79 16.05 -14.33
C ASN B 345 -8.41 16.17 -12.95
N LEU B 346 -9.60 15.60 -12.78
CA LEU B 346 -10.30 15.60 -11.51
C LEU B 346 -9.43 15.01 -10.38
N LEU B 347 -8.75 13.90 -10.65
CA LEU B 347 -7.85 13.33 -9.64
C LEU B 347 -6.82 14.34 -9.13
N LYS B 348 -6.11 15.00 -10.06
CA LYS B 348 -5.10 15.99 -9.67
C LYS B 348 -5.69 17.21 -8.96
N ARG B 349 -6.86 17.66 -9.39
CA ARG B 349 -7.51 18.81 -8.79
C ARG B 349 -7.98 18.49 -7.38
N CYS B 350 -8.56 17.30 -7.22
CA CYS B 350 -9.11 16.88 -5.94
C CYS B 350 -8.03 16.56 -4.93
N HIS B 351 -6.98 15.86 -5.36
CA HIS B 351 -5.97 15.37 -4.41
C HIS B 351 -4.65 16.15 -4.38
N GLY B 352 -4.48 17.08 -5.30
CA GLY B 352 -3.21 17.78 -5.41
C GLY B 352 -2.96 18.76 -4.29
N SER B 353 -1.67 18.99 -4.01
CA SER B 353 -1.23 20.04 -3.09
C SER B 353 -1.12 21.36 -3.83
N GLN B 354 -1.14 22.47 -3.10
CA GLN B 354 -0.92 23.76 -3.73
C GLN B 354 0.56 23.96 -4.05
N ALA B 355 0.85 24.22 -5.31
CA ALA B 355 2.22 24.40 -5.79
C ALA B 355 2.72 25.80 -5.46
N SER B 356 4.01 25.92 -5.20
CA SER B 356 4.64 27.21 -4.99
C SER B 356 4.99 27.81 -6.35
N TYR B 357 5.21 29.13 -6.39
CA TYR B 357 5.44 29.82 -7.66
C TYR B 357 6.34 31.04 -7.53
N LEU B 358 7.33 30.96 -6.64
CA LEU B 358 8.30 32.04 -6.48
C LEU B 358 9.42 31.95 -7.51
N PHE B 359 9.89 30.74 -7.79
CA PHE B 359 11.00 30.49 -8.72
C PHE B 359 10.66 29.45 -9.77
N GLN B 360 10.96 29.75 -11.04
CA GLN B 360 10.73 28.77 -12.11
C GLN B 360 11.49 27.47 -11.85
N GLN B 361 10.79 26.35 -11.98
CA GLN B 361 11.43 25.05 -12.08
C GLN B 361 11.53 24.78 -13.57
N ASP B 362 12.73 24.39 -14.00
CA ASP B 362 12.99 24.08 -15.39
C ASP B 362 13.23 22.58 -15.48
N LYS B 363 12.15 21.82 -15.36
CA LYS B 363 12.25 20.38 -15.53
C LYS B 363 12.44 20.09 -17.01
N PHE B 364 13.23 19.07 -17.30
CA PHE B 364 13.65 18.77 -18.68
C PHE B 364 12.84 17.64 -19.30
N TYR B 365 11.77 17.23 -18.63
CA TYR B 365 10.82 16.30 -19.21
C TYR B 365 9.40 16.76 -18.96
N ASP B 366 8.47 16.12 -19.67
CA ASP B 366 7.05 16.42 -19.59
C ASP B 366 6.51 15.92 -18.25
N VAL B 367 6.30 16.85 -17.32
CA VAL B 367 5.90 16.50 -15.94
C VAL B 367 4.39 16.25 -15.84
N ALA B 368 3.69 16.28 -16.98
CA ALA B 368 2.29 15.84 -17.08
C ALA B 368 2.14 14.33 -16.87
N LEU B 369 3.23 13.59 -17.09
CA LEU B 369 3.26 12.15 -16.89
C LEU B 369 3.15 11.75 -15.40
N ASP B 370 3.56 12.65 -14.52
CA ASP B 370 3.72 12.33 -13.11
C ASP B 370 2.37 12.25 -12.38
N THR B 371 2.32 11.43 -11.32
CA THR B 371 1.04 11.12 -10.65
C THR B 371 0.96 11.49 -9.18
N GLY B 372 1.97 12.18 -8.65
CA GLY B 372 1.94 12.61 -7.25
C GLY B 372 0.69 13.38 -6.84
N ASP B 373 0.18 14.24 -7.72
CA ASP B 373 -1.02 15.04 -7.40
C ASP B 373 -2.32 14.23 -7.45
N LYS B 374 -2.29 13.03 -8.04
CA LYS B 374 -3.51 12.25 -8.20
C LYS B 374 -3.92 11.46 -6.96
N VAL B 375 -3.02 11.37 -5.97
CA VAL B 375 -3.20 10.46 -4.84
C VAL B 375 -3.03 11.19 -3.50
N VAL B 376 -3.57 10.61 -2.43
CA VAL B 376 -3.34 11.14 -1.08
C VAL B 376 -2.16 10.45 -0.43
N GLN B 377 -1.66 9.38 -1.05
CA GLN B 377 -0.35 8.85 -0.75
C GLN B 377 0.73 9.83 -1.23
N CYS B 378 1.92 9.65 -0.69
CA CYS B 378 3.11 10.33 -1.17
CA CYS B 378 3.10 10.32 -1.20
C CYS B 378 3.94 9.24 -1.88
N GLY B 379 4.78 8.53 -1.14
CA GLY B 379 5.45 7.36 -1.71
C GLY B 379 4.38 6.34 -2.10
N ARG B 380 4.61 5.63 -3.20
CA ARG B 380 3.64 4.65 -3.68
C ARG B 380 4.37 3.47 -4.31
N ARG B 381 3.94 2.26 -3.96
CA ARG B 381 4.49 1.05 -4.52
C ARG B 381 4.20 0.93 -6.01
N VAL B 382 5.11 0.29 -6.73
CA VAL B 382 4.85 -0.09 -8.10
C VAL B 382 4.02 -1.37 -8.08
N ASP B 383 2.77 -1.27 -8.56
CA ASP B 383 1.87 -2.43 -8.61
C ASP B 383 1.58 -2.90 -10.04
N CYS B 384 2.00 -2.14 -11.04
CA CYS B 384 1.66 -2.42 -12.43
C CYS B 384 2.49 -3.54 -13.08
N LEU B 385 3.75 -3.72 -12.69
CA LEU B 385 4.64 -4.63 -13.41
C LEU B 385 4.19 -6.07 -13.30
N LYS B 386 3.78 -6.49 -12.09
CA LYS B 386 3.38 -7.88 -11.89
C LYS B 386 2.18 -8.22 -12.77
N LEU B 387 1.26 -7.28 -12.92
CA LEU B 387 0.09 -7.50 -13.77
C LEU B 387 0.50 -7.46 -15.25
N TRP B 388 1.26 -6.45 -15.63
CA TRP B 388 1.68 -6.26 -17.02
C TRP B 388 2.47 -7.45 -17.55
N LEU B 389 3.40 -7.99 -16.75
CA LEU B 389 4.27 -9.07 -17.22
C LEU B 389 3.42 -10.33 -17.44
N MET B 390 2.50 -10.61 -16.51
CA MET B 390 1.60 -11.75 -16.65
C MET B 390 0.71 -11.59 -17.90
N TRP B 391 0.21 -10.38 -18.09
CA TRP B 391 -0.66 -10.07 -19.23
C TRP B 391 0.10 -10.18 -20.56
N LYS B 392 1.38 -9.79 -20.54
CA LYS B 392 2.24 -9.98 -21.73
C LYS B 392 2.38 -11.47 -22.05
N ALA B 393 2.60 -12.29 -21.04
CA ALA B 393 2.78 -13.73 -21.26
C ALA B 393 1.50 -14.42 -21.73
N GLN B 394 0.38 -14.07 -21.10
CA GLN B 394 -0.90 -14.73 -21.33
C GLN B 394 -1.70 -14.14 -22.49
N GLY B 395 -1.59 -12.83 -22.69
CA GLY B 395 -2.49 -12.10 -23.55
C GLY B 395 -3.90 -12.05 -22.98
N ASP B 396 -4.76 -11.25 -23.59
CA ASP B 396 -6.17 -11.29 -23.26
C ASP B 396 -6.68 -12.74 -23.35
N GLN B 397 -6.24 -13.46 -24.38
CA GLN B 397 -6.74 -14.81 -24.67
C GLN B 397 -6.47 -15.76 -23.50
N GLY B 398 -5.28 -15.72 -22.94
CA GLY B 398 -4.92 -16.58 -21.81
C GLY B 398 -5.66 -16.25 -20.53
N LEU B 399 -5.81 -14.96 -20.27
CA LEU B 399 -6.59 -14.53 -19.11
C LEU B 399 -8.06 -14.88 -19.25
N GLU B 400 -8.60 -14.75 -20.46
CA GLU B 400 -9.97 -15.16 -20.76
C GLU B 400 -10.19 -16.64 -20.53
N ARG B 401 -9.27 -17.44 -21.03
CA ARG B 401 -9.37 -18.90 -20.88
C ARG B 401 -9.44 -19.30 -19.41
N ARG B 402 -8.64 -18.64 -18.58
CA ARG B 402 -8.64 -18.89 -17.14
C ARG B 402 -9.97 -18.52 -16.48
N ILE B 403 -10.51 -17.36 -16.83
CA ILE B 403 -11.80 -16.93 -16.29
C ILE B 403 -12.88 -17.94 -16.67
N ASP B 404 -12.90 -18.34 -17.93
CA ASP B 404 -13.94 -19.24 -18.40
C ASP B 404 -13.83 -20.59 -17.72
N GLN B 405 -12.60 -21.08 -17.53
CA GLN B 405 -12.41 -22.37 -16.88
C GLN B 405 -12.85 -22.31 -15.41
N ALA B 406 -12.63 -21.18 -14.73
CA ALA B 406 -13.10 -21.05 -13.35
C ALA B 406 -14.62 -21.18 -13.27
N PHE B 407 -15.34 -20.55 -14.20
CA PHE B 407 -16.80 -20.67 -14.26
C PHE B 407 -17.20 -22.14 -14.51
N VAL B 408 -16.50 -22.82 -15.42
CA VAL B 408 -16.79 -24.23 -15.69
C VAL B 408 -16.61 -25.09 -14.43
N LEU B 409 -15.49 -24.90 -13.74
CA LEU B 409 -15.22 -25.68 -12.50
C LEU B 409 -16.21 -25.35 -11.37
N ALA B 410 -16.63 -24.10 -11.24
CA ALA B 410 -17.65 -23.76 -10.25
C ALA B 410 -18.95 -24.50 -10.52
N ARG B 411 -19.37 -24.51 -11.80
CA ARG B 411 -20.60 -25.21 -12.17
C ARG B 411 -20.45 -26.71 -12.03
N TYR B 412 -19.26 -27.24 -12.33
CA TYR B 412 -18.96 -28.65 -12.12
C TYR B 412 -19.13 -29.02 -10.65
N LEU B 413 -18.56 -28.22 -9.75
CA LEU B 413 -18.71 -28.46 -8.32
C LEU B 413 -20.17 -28.50 -7.89
N VAL B 414 -20.96 -27.55 -8.36
CA VAL B 414 -22.38 -27.48 -8.03
C VAL B 414 -23.10 -28.71 -8.52
N GLU B 415 -22.84 -29.11 -9.76
CA GLU B 415 -23.55 -30.24 -10.32
C GLU B 415 -23.20 -31.51 -9.55
N GLU B 416 -21.93 -31.67 -9.22
CA GLU B 416 -21.46 -32.87 -8.54
C GLU B 416 -21.94 -32.94 -7.09
N MET B 417 -22.00 -31.81 -6.41
CA MET B 417 -22.46 -31.82 -5.01
C MET B 417 -23.92 -32.27 -4.90
N LYS B 418 -24.73 -31.95 -5.92
CA LYS B 418 -26.13 -32.34 -5.92
C LYS B 418 -26.33 -33.86 -5.95
N LYS B 419 -25.31 -34.58 -6.42
CA LYS B 419 -25.40 -36.03 -6.59
C LYS B 419 -25.03 -36.80 -5.31
N ARG B 420 -24.49 -36.11 -4.33
CA ARG B 420 -24.04 -36.73 -3.11
C ARG B 420 -25.02 -36.45 -1.99
N GLU B 421 -24.95 -37.22 -0.92
CA GLU B 421 -25.77 -36.98 0.25
C GLU B 421 -25.15 -35.90 1.15
N GLY B 422 -25.98 -35.02 1.68
CA GLY B 422 -25.54 -34.06 2.70
C GLY B 422 -25.32 -32.63 2.25
N PHE B 423 -25.01 -32.42 0.98
CA PHE B 423 -24.74 -31.05 0.51
C PHE B 423 -26.04 -30.31 0.24
N GLU B 424 -26.19 -29.14 0.84
CA GLU B 424 -27.34 -28.25 0.58
C GLU B 424 -26.80 -26.96 -0.02
N LEU B 425 -27.12 -26.70 -1.29
CA LEU B 425 -26.68 -25.49 -1.97
C LEU B 425 -27.47 -24.28 -1.46
N VAL B 426 -26.78 -23.17 -1.22
CA VAL B 426 -27.43 -21.94 -0.77
C VAL B 426 -28.26 -21.32 -1.91
N MET B 427 -27.62 -21.25 -3.07
CA MET B 427 -28.27 -20.78 -4.30
C MET B 427 -27.39 -21.20 -5.48
N GLU B 428 -27.96 -21.17 -6.68
CA GLU B 428 -27.17 -21.39 -7.88
C GLU B 428 -26.22 -20.20 -8.01
N PRO B 429 -24.92 -20.48 -8.24
CA PRO B 429 -23.97 -19.35 -8.30
C PRO B 429 -24.02 -18.57 -9.60
N GLU B 430 -23.97 -17.24 -9.50
CA GLU B 430 -23.84 -16.35 -10.65
C GLU B 430 -22.37 -16.20 -11.08
N PHE B 431 -21.44 -16.54 -10.19
CA PHE B 431 -20.02 -16.29 -10.39
C PHE B 431 -19.26 -17.57 -10.01
N VAL B 432 -18.12 -17.45 -9.31
CA VAL B 432 -17.30 -18.59 -8.94
C VAL B 432 -17.29 -18.80 -7.40
N ASN B 433 -18.21 -18.12 -6.70
CA ASN B 433 -18.46 -18.31 -5.27
C ASN B 433 -19.56 -19.38 -5.14
N VAL B 434 -19.19 -20.55 -4.62
CA VAL B 434 -20.11 -21.66 -4.49
C VAL B 434 -20.38 -21.82 -2.99
N CYS B 435 -21.63 -21.58 -2.61
CA CYS B 435 -22.03 -21.47 -1.21
C CYS B 435 -22.97 -22.62 -0.85
N PHE B 436 -22.65 -23.32 0.22
CA PHE B 436 -23.39 -24.52 0.60
C PHE B 436 -23.15 -24.94 2.04
N TRP B 437 -24.11 -25.69 2.58
CA TRP B 437 -23.93 -26.37 3.87
C TRP B 437 -23.55 -27.82 3.63
N PHE B 438 -22.75 -28.37 4.53
CA PHE B 438 -22.60 -29.81 4.60
C PHE B 438 -23.44 -30.31 5.75
N VAL B 439 -24.41 -31.18 5.46
CA VAL B 439 -25.29 -31.77 6.47
C VAL B 439 -24.73 -33.15 6.83
N PRO B 440 -24.22 -33.33 8.06
CA PRO B 440 -23.60 -34.60 8.41
C PRO B 440 -24.65 -35.67 8.68
N PRO B 441 -24.25 -36.95 8.64
CA PRO B 441 -25.24 -38.02 8.82
C PRO B 441 -26.22 -37.84 9.99
N SER B 442 -25.74 -37.28 11.10
CA SER B 442 -26.56 -37.13 12.32
C SER B 442 -27.70 -36.11 12.20
N LEU B 443 -27.63 -35.22 11.20
CA LEU B 443 -28.67 -34.23 10.97
C LEU B 443 -29.51 -34.53 9.73
N ARG B 444 -29.12 -35.53 8.94
CA ARG B 444 -29.81 -35.82 7.69
C ARG B 444 -31.23 -36.34 7.94
N GLY B 445 -32.21 -35.64 7.40
CA GLY B 445 -33.62 -35.97 7.62
C GLY B 445 -34.26 -35.28 8.81
N LYS B 446 -33.48 -34.48 9.55
CA LYS B 446 -33.96 -33.83 10.78
C LYS B 446 -34.32 -32.36 10.52
N GLN B 447 -34.65 -32.04 9.27
CA GLN B 447 -34.81 -30.65 8.81
C GLN B 447 -35.94 -29.90 9.52
N GLU B 448 -36.96 -30.64 9.95
CA GLU B 448 -38.17 -30.03 10.51
C GLU B 448 -38.15 -29.92 12.03
N SER B 449 -37.06 -30.34 12.66
CA SER B 449 -36.91 -30.15 14.11
C SER B 449 -36.66 -28.66 14.37
N PRO B 450 -36.95 -28.20 15.60
CA PRO B 450 -36.95 -26.75 15.86
C PRO B 450 -35.55 -26.14 15.91
N ASP B 451 -34.56 -26.94 16.32
CA ASP B 451 -33.17 -26.46 16.48
C ASP B 451 -32.24 -26.92 15.36
N TYR B 452 -32.80 -27.29 14.21
CA TYR B 452 -32.04 -27.83 13.09
C TYR B 452 -30.98 -26.84 12.57
N HIS B 453 -31.42 -25.63 12.23
CA HIS B 453 -30.51 -24.61 11.70
C HIS B 453 -29.44 -24.22 12.73
N GLU B 454 -29.84 -24.18 13.99
CA GLU B 454 -28.90 -23.89 15.07
C GLU B 454 -27.81 -24.95 15.15
N ARG B 455 -28.19 -26.22 15.00
CA ARG B 455 -27.25 -27.32 15.03
C ARG B 455 -26.39 -27.38 13.76
N LEU B 456 -27.04 -27.23 12.60
CA LEU B 456 -26.35 -27.23 11.32
C LEU B 456 -25.27 -26.13 11.27
N SER B 457 -25.59 -24.96 11.82
CA SER B 457 -24.64 -23.84 11.82
C SER B 457 -23.31 -24.15 12.51
N LYS B 458 -23.33 -25.06 13.49
CA LYS B 458 -22.12 -25.45 14.22
C LYS B 458 -21.22 -26.43 13.46
N VAL B 459 -21.67 -26.92 12.32
CA VAL B 459 -20.95 -27.95 11.60
C VAL B 459 -19.73 -27.41 10.85
N ALA B 460 -19.92 -26.34 10.08
CA ALA B 460 -18.81 -25.79 9.29
C ALA B 460 -17.60 -25.41 10.15
N PRO B 461 -17.82 -24.74 11.30
CA PRO B 461 -16.66 -24.45 12.16
C PRO B 461 -15.82 -25.67 12.56
N VAL B 462 -16.48 -26.80 12.85
CA VAL B 462 -15.77 -28.02 13.21
C VAL B 462 -15.03 -28.63 12.02
N LEU B 463 -15.69 -28.68 10.87
CA LEU B 463 -15.06 -29.16 9.65
C LEU B 463 -13.85 -28.30 9.24
N LYS B 464 -13.98 -26.99 9.39
CA LYS B 464 -12.87 -26.06 9.09
C LYS B 464 -11.66 -26.36 10.00
N GLU B 465 -11.91 -26.49 11.31
CA GLU B 465 -10.83 -26.85 12.21
C GLU B 465 -10.14 -28.15 11.78
N ARG B 466 -10.93 -29.16 11.41
CA ARG B 466 -10.37 -30.43 11.02
C ARG B 466 -9.54 -30.37 9.75
N MET B 467 -10.04 -29.67 8.72
CA MET B 467 -9.29 -29.61 7.48
C MET B 467 -8.00 -28.80 7.68
N VAL B 468 -8.06 -27.75 8.47
CA VAL B 468 -6.86 -26.96 8.77
C VAL B 468 -5.82 -27.78 9.54
N LYS B 469 -6.26 -28.48 10.59
CA LYS B 469 -5.31 -29.28 11.37
C LYS B 469 -4.73 -30.46 10.60
N GLU B 470 -5.49 -30.96 9.64
CA GLU B 470 -4.99 -31.99 8.76
C GLU B 470 -4.08 -31.44 7.69
N GLY B 471 -4.34 -30.19 7.30
CA GLY B 471 -3.55 -29.51 6.29
C GLY B 471 -3.96 -29.84 4.85
N SER B 472 -5.16 -30.36 4.69
CA SER B 472 -5.60 -30.91 3.39
C SER B 472 -6.31 -29.91 2.48
N MET B 473 -6.95 -28.90 3.07
CA MET B 473 -7.64 -27.85 2.31
C MET B 473 -8.05 -26.75 3.28
N MET B 474 -8.35 -25.58 2.72
CA MET B 474 -8.96 -24.49 3.49
C MET B 474 -10.11 -23.92 2.72
N ILE B 475 -11.30 -23.93 3.33
CA ILE B 475 -12.49 -23.29 2.77
C ILE B 475 -13.05 -22.29 3.79
N GLY B 476 -13.41 -21.10 3.35
CA GLY B 476 -14.01 -20.10 4.23
C GLY B 476 -15.46 -20.44 4.57
N TYR B 477 -15.94 -20.02 5.74
CA TYR B 477 -17.36 -20.11 6.04
C TYR B 477 -17.82 -18.81 6.70
N GLN B 478 -19.12 -18.55 6.59
CA GLN B 478 -19.74 -17.40 7.24
C GLN B 478 -21.24 -17.60 7.28
N PRO B 479 -21.91 -16.94 8.25
CA PRO B 479 -23.35 -16.86 8.22
C PRO B 479 -23.78 -15.73 7.28
N HIS B 480 -25.05 -15.67 6.93
CA HIS B 480 -25.50 -14.67 5.98
C HIS B 480 -27.02 -14.60 5.98
N GLY B 481 -27.57 -13.40 6.05
CA GLY B 481 -29.02 -13.22 6.10
C GLY B 481 -29.56 -13.82 7.39
N THR B 482 -30.59 -14.66 7.27
CA THR B 482 -31.18 -15.33 8.42
C THR B 482 -30.61 -16.75 8.66
N ARG B 483 -29.64 -17.18 7.84
CA ARG B 483 -29.08 -18.51 8.02
C ARG B 483 -27.68 -18.49 8.63
N GLY B 484 -27.31 -19.63 9.21
CA GLY B 484 -26.05 -19.77 9.91
C GLY B 484 -24.92 -20.13 8.98
N ASN B 485 -23.78 -20.47 9.58
CA ASN B 485 -22.53 -20.71 8.86
C ASN B 485 -22.67 -21.68 7.71
N PHE B 486 -22.34 -21.20 6.50
CA PHE B 486 -22.19 -22.08 5.34
C PHE B 486 -20.84 -21.82 4.72
N PHE B 487 -20.36 -22.79 3.96
CA PHE B 487 -19.09 -22.66 3.27
C PHE B 487 -19.22 -21.79 2.03
N ARG B 488 -18.16 -21.05 1.73
CA ARG B 488 -17.98 -20.36 0.46
C ARG B 488 -16.73 -20.92 -0.20
N VAL B 489 -16.89 -21.73 -1.23
CA VAL B 489 -15.75 -22.15 -2.01
C VAL B 489 -15.57 -21.16 -3.13
N VAL B 490 -14.40 -20.55 -3.22
CA VAL B 490 -14.06 -19.66 -4.32
C VAL B 490 -13.20 -20.42 -5.31
N VAL B 491 -13.71 -20.54 -6.53
CA VAL B 491 -13.03 -21.32 -7.56
C VAL B 491 -12.26 -20.30 -8.42
N ALA B 492 -10.99 -20.10 -8.06
CA ALA B 492 -10.15 -19.03 -8.66
C ALA B 492 -8.76 -19.46 -9.15
N ASN B 493 -8.19 -20.49 -8.53
CA ASN B 493 -6.81 -20.88 -8.78
C ASN B 493 -6.73 -21.48 -10.18
N SER B 494 -5.86 -20.94 -11.01
CA SER B 494 -5.73 -21.44 -12.38
C SER B 494 -5.24 -22.87 -12.48
N ALA B 495 -4.66 -23.40 -11.41
CA ALA B 495 -4.15 -24.76 -11.39
C ALA B 495 -5.24 -25.80 -11.17
N LEU B 496 -6.46 -25.36 -10.81
CA LEU B 496 -7.53 -26.30 -10.46
C LEU B 496 -7.90 -27.22 -11.61
N THR B 497 -8.18 -28.46 -11.25
CA THR B 497 -8.74 -29.43 -12.18
C THR B 497 -10.00 -30.03 -11.56
N CYS B 498 -10.74 -30.79 -12.36
CA CYS B 498 -11.93 -31.48 -11.86
C CYS B 498 -11.61 -32.34 -10.63
N ALA B 499 -10.46 -32.98 -10.64
CA ALA B 499 -10.05 -33.82 -9.52
C ALA B 499 -9.98 -33.05 -8.21
N ASP B 500 -9.63 -31.77 -8.28
CA ASP B 500 -9.63 -30.93 -7.05
C ASP B 500 -11.02 -30.67 -6.51
N MET B 501 -12.01 -30.53 -7.40
CA MET B 501 -13.38 -30.35 -6.98
C MET B 501 -13.91 -31.66 -6.37
N ASP B 502 -13.57 -32.78 -7.00
CA ASP B 502 -13.95 -34.10 -6.46
C ASP B 502 -13.34 -34.28 -5.07
N PHE B 503 -12.07 -33.93 -4.95
CA PHE B 503 -11.34 -34.03 -3.68
C PHE B 503 -12.06 -33.27 -2.57
N LEU B 504 -12.46 -32.04 -2.85
CA LEU B 504 -13.13 -31.20 -1.86
C LEU B 504 -14.39 -31.88 -1.31
N LEU B 505 -15.21 -32.44 -2.19
CA LEU B 505 -16.43 -33.11 -1.77
C LEU B 505 -16.12 -34.38 -0.99
N ASN B 506 -15.18 -35.17 -1.50
CA ASN B 506 -14.77 -36.41 -0.84
C ASN B 506 -14.23 -36.14 0.57
N GLU B 507 -13.45 -35.06 0.69
CA GLU B 507 -12.84 -34.73 1.97
C GLU B 507 -13.84 -34.22 2.99
N LEU B 508 -14.81 -33.42 2.56
CA LEU B 508 -15.87 -32.98 3.47
C LEU B 508 -16.67 -34.18 3.97
N GLU B 509 -16.96 -35.12 3.07
CA GLU B 509 -17.70 -36.32 3.48
C GLU B 509 -16.88 -37.15 4.47
N ARG B 510 -15.58 -37.26 4.25
CA ARG B 510 -14.71 -38.03 5.11
C ARG B 510 -14.55 -37.37 6.49
N LEU B 511 -14.28 -36.07 6.50
CA LEU B 511 -14.17 -35.33 7.76
C LEU B 511 -15.49 -35.17 8.52
N GLY B 512 -16.62 -35.22 7.82
CA GLY B 512 -17.92 -34.97 8.44
C GLY B 512 -18.71 -36.21 8.86
N GLN B 513 -18.14 -37.38 8.63
CA GLN B 513 -18.91 -38.63 8.77
C GLN B 513 -19.39 -38.87 10.19
N ASP B 514 -18.58 -38.49 11.17
CA ASP B 514 -18.93 -38.71 12.58
C ASP B 514 -19.66 -37.52 13.24
N LEU B 515 -20.09 -36.54 12.45
CA LEU B 515 -20.75 -35.35 13.00
C LEU B 515 -22.26 -35.45 12.90
N1 PLP C . 6.19 12.92 6.63
C2 PLP C . 7.52 12.96 6.61
C2A PLP C . 8.22 13.90 7.58
C3 PLP C . 8.21 12.18 5.72
O3 PLP C . 9.55 12.17 5.67
C4 PLP C . 7.48 11.35 4.87
C4A PLP C . 8.10 10.52 3.96
C5 PLP C . 6.11 11.34 4.89
C6 PLP C . 5.47 12.16 5.81
C5A PLP C . 5.22 10.51 3.98
O4P PLP C . 5.58 9.17 3.98
P PLP C . 5.13 8.28 2.71
O1P PLP C . 5.49 6.87 3.17
O2P PLP C . 6.04 8.73 1.44
O3P PLP C . 3.67 8.50 2.47
N NO3 D . 18.84 31.10 -4.70
O1 NO3 D . 17.93 31.83 -3.92
O2 NO3 D . 20.18 31.42 -4.69
O3 NO3 D . 18.41 30.03 -5.49
N1 PLP E . -15.42 -4.69 -2.29
C2 PLP E . -15.54 -5.89 -2.82
C2A PLP E . -16.83 -6.28 -3.51
C3 PLP E . -14.49 -6.78 -2.73
O3 PLP E . -14.60 -8.03 -3.30
C4 PLP E . -13.32 -6.39 -2.08
C4A PLP E . -12.23 -7.25 -1.99
C5 PLP E . -13.22 -5.13 -1.52
C6 PLP E . -14.32 -4.29 -1.64
C5A PLP E . -12.00 -4.61 -0.76
O4P PLP E . -10.82 -4.85 -1.45
P PLP E . -9.46 -4.83 -0.60
O1P PLP E . -8.42 -4.81 -1.74
O2P PLP E . -9.40 -6.18 0.18
O3P PLP E . -9.45 -3.61 0.27
N NO3 F . -27.83 -22.98 9.22
O1 NO3 F . -28.67 -21.87 9.36
O2 NO3 F . -26.47 -22.88 9.47
O3 NO3 F . -28.37 -24.21 8.81
#